data_8U65
#
_entry.id   8U65
#
_cell.length_a   1.00
_cell.length_b   1.00
_cell.length_c   1.00
_cell.angle_alpha   90.00
_cell.angle_beta   90.00
_cell.angle_gamma   90.00
#
_symmetry.space_group_name_H-M   'P 1'
#
loop_
_entity.id
_entity.type
_entity.pdbx_description
1 polymer 'histidine kinase'
2 non-polymer '3-[2-[(Z)-[3-(2-carboxyethyl)-5-[(Z)-(4-ethenyl-3-methyl-5-oxidanylidene-pyrrol-2-ylidene)methyl]-4-methyl-pyrrol-1-ium -2-ylidene]methyl]-5-[(Z)-[(3E)-3-ethylidene-4-methyl-5-oxidanylidene-pyrrolidin-2-ylidene]methyl]-4-methyl-1H-pyrrol-3- yl]propanoic acid'
#
_entity_poly.entity_id   1
_entity_poly.type   'polypeptide(L)'
_entity_poly.pdbx_seq_one_letter_code
;GMSQLDKDAFEVLLANCADEPIQFPGAIQPHGLLFTLKEPELTILQVSANVQSVLGKVPDQLAGQTLDCVLGAGWAEVIR
STSANDSLVDVPRLLMSVEGVEFEALLHRSQEALVLELEIQDKAAQAISYSERTGNMGRMLRQLHAAADLQTLYEVSVRE
IQRMTGYDRVLIYRFEEEGHGQVIAEASAPAMELFNGLFFPASDIPEQARELYRRNWLRIIPDANYTPVPLVPQLRPDTQ
QQLDLSFSTLRSVSPIHCQYMKNMGVLSSMSVSLIQGGKLWGLISCGHRTPLYVSHELRSACQAIGQVLSLQISAMEALE
VSRQRETKIQTLQQLHQMMATSDTDVFDGLAQQPQLLMDLVGATGVAIIEDRQTHCYGNCPEPSDIRALHTWMMAGGEPV
YASHHLSSVYPPGEAYQTLASGVLAMSLPKPVDNGVIWFRPEVKQSVQWSGDPNKPLNLDASDNTLRLQPRTSFEIWKVE
MTGIATKWSHGDVFAANDLRRSALENDLARQVSKEQQAVRARDELVAVVSHDLRNPMTVISMLCGMMQKSFSSDGPHTSR
RISTAIDTMQQAASRMNVLLEDLLDTSKIEAGRYTITPQPLEVSQIFEEAYTLLAPLAMDKSIEISFNAEPDIKVNADPE
RLFQVLSNLIGNAIKFTPKLGRIGVAAMSNGDEVVFTVRDSGEGIPPEQLPHIFERYWTVKEGNPTGTGLGLYISQGIIK
AHGGELAAQSQVGHGSEFRFTVPIAH
;
_entity_poly.pdbx_strand_id   B,A
#
loop_
_chem_comp.id
_chem_comp.type
_chem_comp.name
_chem_comp.formula
LBV non-polymer '3-[2-[(Z)-[3-(2-carboxyethyl)-5-[(Z)-(4-ethenyl-3-methyl-5-oxidanylidene-pyrrol-2-ylidene)methyl]-4-methyl-pyrrol-1-ium -2-ylidene]methyl]-5-[(Z)-[(3E)-3-ethylidene-4-methyl-5-oxidanylidene-pyrrolidin-2-ylidene]methyl]-4-methyl-1H-pyrrol-3- yl]propanoic acid' 'C33 H37 N4 O6 1'
#
# COMPACT_ATOMS: atom_id res chain seq x y z
N SER A 3 -23.24 -31.41 -36.07
CA SER A 3 -24.22 -30.61 -35.35
C SER A 3 -24.53 -31.21 -33.99
N GLN A 4 -25.31 -32.30 -33.99
CA GLN A 4 -25.67 -32.95 -32.75
C GLN A 4 -24.47 -33.60 -32.07
N LEU A 5 -23.47 -34.01 -32.85
CA LEU A 5 -22.27 -34.60 -32.26
C LEU A 5 -21.53 -33.59 -31.38
N ASP A 6 -21.39 -32.35 -31.84
CA ASP A 6 -20.76 -31.32 -31.03
C ASP A 6 -21.62 -30.99 -29.81
N LYS A 7 -22.94 -30.92 -29.98
CA LYS A 7 -23.82 -30.62 -28.86
C LYS A 7 -23.84 -31.75 -27.83
N ASP A 8 -23.67 -33.00 -28.28
CA ASP A 8 -23.65 -34.12 -27.35
C ASP A 8 -22.48 -34.03 -26.38
N ALA A 9 -21.30 -33.66 -26.89
CA ALA A 9 -20.12 -33.55 -26.04
C ALA A 9 -20.26 -32.40 -25.03
N PHE A 10 -20.83 -31.27 -25.46
CA PHE A 10 -20.92 -30.11 -24.59
C PHE A 10 -21.88 -30.36 -23.43
N GLU A 11 -22.99 -31.06 -23.69
CA GLU A 11 -23.98 -31.26 -22.63
C GLU A 11 -23.41 -32.08 -21.48
N VAL A 12 -22.59 -33.08 -21.78
CA VAL A 12 -21.94 -33.85 -20.73
C VAL A 12 -20.98 -32.95 -19.95
N LEU A 13 -20.29 -32.05 -20.64
CA LEU A 13 -19.34 -31.15 -19.98
C LEU A 13 -20.04 -30.20 -19.02
N LEU A 14 -21.20 -29.67 -19.41
CA LEU A 14 -21.89 -28.69 -18.58
C LEU A 14 -22.36 -29.27 -17.26
N ALA A 15 -22.50 -30.60 -17.17
CA ALA A 15 -23.01 -31.20 -15.95
C ALA A 15 -21.97 -31.21 -14.83
N ASN A 16 -20.69 -31.23 -15.18
CA ASN A 16 -19.64 -31.36 -14.17
C ASN A 16 -18.65 -30.20 -14.22
N CYS A 17 -19.16 -28.97 -14.32
CA CYS A 17 -18.28 -27.81 -14.35
C CYS A 17 -17.74 -27.47 -12.96
N ALA A 18 -18.50 -27.75 -11.90
CA ALA A 18 -18.08 -27.39 -10.56
C ALA A 18 -16.81 -28.13 -10.14
N ASP A 19 -16.58 -29.31 -10.71
CA ASP A 19 -15.36 -30.08 -10.45
C ASP A 19 -14.87 -30.63 -11.80
N GLU A 20 -14.04 -29.84 -12.47
CA GLU A 20 -13.46 -30.22 -13.75
C GLU A 20 -11.97 -29.92 -13.70
N PRO A 21 -11.11 -30.86 -14.11
CA PRO A 21 -9.67 -30.60 -14.03
C PRO A 21 -9.18 -29.60 -15.06
N ILE A 22 -8.90 -28.37 -14.62
CA ILE A 22 -8.29 -27.35 -15.45
C ILE A 22 -6.88 -27.02 -14.99
N GLN A 23 -6.41 -27.61 -13.89
CA GLN A 23 -5.00 -27.53 -13.54
C GLN A 23 -4.15 -28.43 -14.41
N PHE A 24 -4.75 -29.46 -15.01
CA PHE A 24 -4.07 -30.34 -15.97
C PHE A 24 -4.95 -30.48 -17.21
N PRO A 25 -5.12 -29.41 -17.99
CA PRO A 25 -5.98 -29.50 -19.18
C PRO A 25 -5.50 -30.53 -20.18
N GLY A 26 -4.18 -30.69 -20.33
CA GLY A 26 -3.63 -31.53 -21.36
C GLY A 26 -3.55 -30.88 -22.72
N ALA A 27 -3.97 -29.63 -22.85
CA ALA A 27 -3.93 -28.92 -24.12
C ALA A 27 -3.46 -27.48 -23.87
N ILE A 28 -2.93 -26.86 -24.92
CA ILE A 28 -2.43 -25.50 -24.86
C ILE A 28 -3.06 -24.69 -25.98
N GLN A 29 -3.11 -23.37 -25.77
CA GLN A 29 -3.63 -22.48 -26.79
C GLN A 29 -2.68 -22.43 -27.99
N PRO A 30 -3.23 -22.27 -29.20
CA PRO A 30 -2.40 -22.41 -30.41
C PRO A 30 -1.44 -21.26 -30.66
N HIS A 31 -1.32 -20.32 -29.72
CA HIS A 31 -0.46 -19.16 -29.93
C HIS A 31 0.94 -19.36 -29.33
N GLY A 32 1.43 -20.59 -29.28
CA GLY A 32 2.77 -20.84 -28.79
C GLY A 32 3.04 -22.32 -28.65
N LEU A 33 4.17 -22.62 -28.00
CA LEU A 33 4.65 -23.97 -27.80
C LEU A 33 4.97 -24.19 -26.33
N LEU A 34 4.91 -25.44 -25.91
CA LEU A 34 5.24 -25.83 -24.55
C LEU A 34 6.15 -27.05 -24.57
N PHE A 35 7.25 -26.98 -23.83
CA PHE A 35 8.20 -28.08 -23.75
C PHE A 35 8.44 -28.41 -22.27
N THR A 36 8.18 -29.65 -21.88
CA THR A 36 8.50 -30.13 -20.54
C THR A 36 9.71 -31.04 -20.65
N LEU A 37 10.76 -30.70 -19.90
CA LEU A 37 12.07 -31.31 -20.06
C LEU A 37 12.61 -31.79 -18.72
N LYS A 38 13.54 -32.74 -18.79
CA LYS A 38 14.29 -33.13 -17.61
C LYS A 38 15.24 -32.01 -17.20
N GLU A 39 15.39 -31.81 -15.89
CA GLU A 39 16.13 -30.65 -15.39
C GLU A 39 17.59 -30.63 -15.83
N PRO A 40 18.41 -31.68 -15.64
CA PRO A 40 19.85 -31.52 -15.90
C PRO A 40 20.24 -31.60 -17.37
N GLU A 41 19.59 -32.46 -18.14
CA GLU A 41 19.99 -32.73 -19.52
C GLU A 41 19.05 -32.12 -20.55
N LEU A 42 17.92 -31.55 -20.12
CA LEU A 42 16.97 -30.90 -21.03
C LEU A 42 16.48 -31.85 -22.12
N THR A 43 16.09 -33.06 -21.71
CA THR A 43 15.52 -34.04 -22.62
C THR A 43 14.01 -33.84 -22.67
N ILE A 44 13.46 -33.80 -23.88
CA ILE A 44 12.04 -33.48 -24.06
C ILE A 44 11.21 -34.59 -23.44
N LEU A 45 10.55 -34.30 -22.32
CA LEU A 45 9.70 -35.27 -21.65
C LEU A 45 8.25 -35.18 -22.11
N GLN A 46 7.78 -33.97 -22.38
CA GLN A 46 6.43 -33.76 -22.90
C GLN A 46 6.45 -32.64 -23.92
N VAL A 47 5.70 -32.82 -25.00
CA VAL A 47 5.65 -31.86 -26.09
C VAL A 47 4.20 -31.73 -26.55
N SER A 48 3.81 -30.52 -26.94
CA SER A 48 2.47 -30.29 -27.45
C SER A 48 2.34 -30.80 -28.88
N ALA A 49 1.10 -31.11 -29.28
CA ALA A 49 0.83 -31.55 -30.64
C ALA A 49 1.00 -30.44 -31.66
N ASN A 50 1.07 -29.18 -31.23
CA ASN A 50 1.17 -28.05 -32.14
C ASN A 50 2.53 -27.98 -32.83
N VAL A 51 3.50 -28.78 -32.39
CA VAL A 51 4.84 -28.72 -32.95
C VAL A 51 4.86 -29.16 -34.40
N GLN A 52 3.99 -30.10 -34.78
CA GLN A 52 3.90 -30.51 -36.18
C GLN A 52 3.51 -29.36 -37.08
N SER A 53 2.89 -28.31 -36.54
CA SER A 53 2.54 -27.11 -37.30
C SER A 53 3.52 -25.97 -37.07
N VAL A 54 3.89 -25.72 -35.81
CA VAL A 54 4.80 -24.62 -35.51
C VAL A 54 6.20 -24.92 -36.02
N LEU A 55 6.68 -26.14 -35.78
CA LEU A 55 8.04 -26.53 -36.18
C LEU A 55 8.07 -27.54 -37.30
N GLY A 56 7.04 -28.38 -37.44
CA GLY A 56 6.98 -29.37 -38.49
C GLY A 56 7.40 -30.77 -38.08
N LYS A 57 8.17 -30.91 -37.00
CA LYS A 57 8.56 -32.22 -36.51
C LYS A 57 7.38 -32.89 -35.83
N VAL A 58 7.29 -34.21 -35.98
CA VAL A 58 6.17 -34.94 -35.39
C VAL A 58 6.23 -34.84 -33.87
N PRO A 59 5.09 -34.67 -33.19
CA PRO A 59 5.13 -34.53 -31.73
C PRO A 59 5.01 -35.87 -31.00
N ASP A 60 4.53 -36.90 -31.71
CA ASP A 60 4.46 -38.23 -31.11
C ASP A 60 5.84 -38.74 -30.76
N GLN A 61 6.79 -38.58 -31.68
CA GLN A 61 8.19 -38.82 -31.39
C GLN A 61 8.77 -37.59 -30.69
N LEU A 62 10.10 -37.50 -30.64
CA LEU A 62 10.86 -36.43 -30.00
C LEU A 62 10.76 -36.47 -28.49
N ALA A 63 10.04 -37.42 -27.92
CA ALA A 63 9.95 -37.56 -26.47
C ALA A 63 11.20 -38.26 -25.95
N GLY A 64 11.69 -37.80 -24.80
CA GLY A 64 12.91 -38.35 -24.23
C GLY A 64 14.15 -38.06 -25.07
N GLN A 65 14.24 -36.86 -25.63
CA GLN A 65 15.41 -36.48 -26.42
C GLN A 65 15.72 -35.01 -26.12
N THR A 66 16.99 -34.65 -26.27
CA THR A 66 17.45 -33.33 -25.88
C THR A 66 16.88 -32.24 -26.78
N LEU A 67 16.97 -31.00 -26.31
CA LEU A 67 16.43 -29.86 -27.03
C LEU A 67 17.17 -29.56 -28.33
N ASP A 68 18.34 -30.18 -28.55
CA ASP A 68 19.16 -29.84 -29.71
C ASP A 68 18.42 -30.02 -31.02
N CYS A 69 17.47 -30.95 -31.07
CA CYS A 69 16.70 -31.16 -32.30
C CYS A 69 15.81 -29.96 -32.62
N VAL A 70 15.23 -29.35 -31.59
CA VAL A 70 14.27 -28.25 -31.78
C VAL A 70 14.89 -26.90 -31.46
N LEU A 71 15.47 -26.75 -30.28
CA LEU A 71 16.01 -25.47 -29.83
C LEU A 71 17.51 -25.34 -30.11
N GLY A 72 18.11 -26.32 -30.78
CA GLY A 72 19.53 -26.25 -31.07
C GLY A 72 20.37 -26.48 -29.82
N ALA A 73 21.67 -26.25 -29.99
CA ALA A 73 22.64 -26.45 -28.92
C ALA A 73 23.02 -25.17 -28.20
N GLY A 74 23.28 -24.09 -28.95
CA GLY A 74 23.66 -22.84 -28.31
C GLY A 74 22.56 -22.27 -27.45
N TRP A 75 21.33 -22.24 -27.98
CA TRP A 75 20.21 -21.72 -27.21
C TRP A 75 19.87 -22.64 -26.04
N ALA A 76 20.03 -23.95 -26.23
CA ALA A 76 19.84 -24.89 -25.13
C ALA A 76 20.83 -24.62 -24.01
N GLU A 77 22.09 -24.36 -24.36
CA GLU A 77 23.09 -24.03 -23.35
C GLU A 77 22.77 -22.70 -22.68
N VAL A 78 22.27 -21.73 -23.45
CA VAL A 78 21.92 -20.43 -22.88
C VAL A 78 20.82 -20.58 -21.84
N ILE A 79 19.77 -21.33 -22.19
CA ILE A 79 18.68 -21.53 -21.22
C ILE A 79 19.10 -22.49 -20.11
N ARG A 80 20.12 -23.33 -20.33
CA ARG A 80 20.69 -24.11 -19.24
C ARG A 80 21.34 -23.20 -18.21
N SER A 81 22.16 -22.26 -18.69
CA SER A 81 22.80 -21.30 -17.78
C SER A 81 21.75 -20.44 -17.08
N THR A 82 20.72 -20.02 -17.81
CA THR A 82 19.67 -19.21 -17.22
C THR A 82 18.89 -19.98 -16.15
N SER A 83 18.56 -21.24 -16.43
CA SER A 83 17.74 -22.01 -15.50
C SER A 83 18.52 -22.48 -14.28
N ALA A 84 19.76 -22.93 -14.48
CA ALA A 84 20.50 -23.57 -13.40
C ALA A 84 20.92 -22.56 -12.34
N ASN A 85 20.73 -22.92 -11.07
CA ASN A 85 21.18 -22.13 -9.93
C ASN A 85 20.62 -20.70 -9.97
N ASP A 86 19.34 -20.58 -10.31
CA ASP A 86 18.67 -19.28 -10.35
C ASP A 86 17.39 -19.21 -9.55
N SER A 87 16.71 -20.32 -9.28
CA SER A 87 15.45 -20.43 -8.57
C SER A 87 14.28 -19.79 -9.32
N LEU A 88 14.53 -19.19 -10.48
CA LEU A 88 13.48 -18.64 -11.36
C LEU A 88 12.63 -17.58 -10.66
N VAL A 89 13.15 -16.95 -9.60
CA VAL A 89 12.41 -15.90 -8.93
C VAL A 89 12.31 -14.66 -9.82
N ASP A 90 13.44 -14.24 -10.39
CA ASP A 90 13.51 -13.10 -11.29
C ASP A 90 14.29 -13.52 -12.52
N VAL A 91 13.61 -13.60 -13.66
CA VAL A 91 14.20 -14.06 -14.91
C VAL A 91 14.05 -12.94 -15.93
N PRO A 92 15.13 -12.52 -16.60
CA PRO A 92 15.01 -11.50 -17.64
C PRO A 92 14.32 -12.04 -18.88
N ARG A 93 14.08 -11.14 -19.82
CA ARG A 93 13.40 -11.53 -21.06
C ARG A 93 14.31 -12.42 -21.90
N LEU A 94 13.77 -13.53 -22.37
CA LEU A 94 14.47 -14.46 -23.25
C LEU A 94 13.73 -14.54 -24.57
N LEU A 95 14.35 -14.03 -25.63
CA LEU A 95 13.76 -14.03 -26.96
C LEU A 95 14.55 -14.98 -27.85
N MET A 96 13.87 -15.97 -28.41
CA MET A 96 14.48 -16.97 -29.28
C MET A 96 13.95 -16.83 -30.69
N SER A 97 14.72 -17.34 -31.65
CA SER A 97 14.36 -17.25 -33.07
C SER A 97 14.63 -18.61 -33.71
N VAL A 98 13.57 -19.41 -33.84
CA VAL A 98 13.66 -20.74 -34.43
C VAL A 98 12.99 -20.69 -35.80
N GLU A 99 13.78 -20.91 -36.85
CA GLU A 99 13.30 -20.92 -38.23
C GLU A 99 12.54 -19.63 -38.56
N GLY A 100 13.14 -18.50 -38.18
CA GLY A 100 12.59 -17.21 -38.51
C GLY A 100 11.38 -16.78 -37.72
N VAL A 101 11.02 -17.51 -36.67
CA VAL A 101 9.86 -17.21 -35.84
C VAL A 101 10.37 -16.82 -34.45
N GLU A 102 9.92 -15.65 -33.97
CA GLU A 102 10.36 -15.14 -32.68
C GLU A 102 9.43 -15.61 -31.57
N PHE A 103 10.01 -16.23 -30.55
CA PHE A 103 9.28 -16.72 -29.39
C PHE A 103 9.81 -16.06 -28.13
N GLU A 104 8.90 -15.52 -27.32
CA GLU A 104 9.25 -15.09 -25.98
C GLU A 104 9.23 -16.30 -25.05
N ALA A 105 10.31 -16.47 -24.30
CA ALA A 105 10.51 -17.67 -23.48
C ALA A 105 10.16 -17.39 -22.03
N LEU A 106 9.26 -18.19 -21.47
CA LEU A 106 8.92 -18.15 -20.05
C LEU A 106 9.21 -19.52 -19.45
N LEU A 107 10.11 -19.56 -18.47
CA LEU A 107 10.56 -20.80 -17.87
C LEU A 107 10.02 -20.94 -16.46
N HIS A 108 9.57 -22.15 -16.11
CA HIS A 108 9.17 -22.47 -14.75
C HIS A 108 9.41 -23.95 -14.52
N ARG A 109 9.12 -24.42 -13.32
CA ARG A 109 9.33 -25.82 -12.97
C ARG A 109 8.14 -26.35 -12.21
N SER A 110 7.55 -27.44 -12.72
CA SER A 110 6.44 -28.12 -12.07
C SER A 110 6.78 -29.59 -11.96
N GLN A 111 6.67 -30.14 -10.74
CA GLN A 111 6.96 -31.54 -10.47
C GLN A 111 8.37 -31.93 -10.93
N GLU A 112 9.34 -31.06 -10.62
CA GLU A 112 10.76 -31.30 -10.92
C GLU A 112 10.99 -31.53 -12.41
N ALA A 113 10.44 -30.63 -13.23
CA ALA A 113 10.66 -30.67 -14.67
C ALA A 113 10.61 -29.24 -15.20
N LEU A 114 11.50 -28.94 -16.15
CA LEU A 114 11.58 -27.59 -16.70
C LEU A 114 10.51 -27.42 -17.77
N VAL A 115 9.48 -26.63 -17.48
CA VAL A 115 8.44 -26.30 -18.44
C VAL A 115 8.76 -24.94 -19.03
N LEU A 116 9.00 -24.92 -20.35
CA LEU A 116 9.34 -23.72 -21.08
C LEU A 116 8.22 -23.42 -22.07
N GLU A 117 7.68 -22.22 -21.98
CA GLU A 117 6.59 -21.76 -22.86
C GLU A 117 7.15 -20.73 -23.83
N LEU A 118 7.02 -21.00 -25.11
CA LEU A 118 7.48 -20.13 -26.18
C LEU A 118 6.26 -19.48 -26.80
N GLU A 119 6.00 -18.22 -26.44
CA GLU A 119 4.87 -17.48 -26.97
C GLU A 119 5.27 -16.82 -28.30
N ILE A 120 4.46 -17.06 -29.34
CA ILE A 120 4.79 -16.54 -30.66
C ILE A 120 4.64 -15.02 -30.68
N GLN A 121 5.66 -14.35 -31.18
CA GLN A 121 5.64 -12.89 -31.29
C GLN A 121 5.74 -12.45 -32.75
N GLY A 135 7.26 6.77 -19.92
CA GLY A 135 6.87 8.14 -19.62
C GLY A 135 5.45 8.25 -19.09
N ASN A 136 4.51 7.60 -19.77
CA ASN A 136 3.12 7.63 -19.34
C ASN A 136 2.89 6.88 -18.05
N MET A 137 3.81 5.97 -17.67
CA MET A 137 3.65 5.22 -16.44
C MET A 137 3.68 6.13 -15.23
N GLY A 138 4.57 7.12 -15.22
CA GLY A 138 4.62 8.05 -14.10
C GLY A 138 3.34 8.85 -13.94
N ARG A 139 2.81 9.36 -15.04
CA ARG A 139 1.55 10.11 -14.98
C ARG A 139 0.41 9.20 -14.55
N MET A 140 0.41 7.95 -15.03
CA MET A 140 -0.60 6.97 -14.62
C MET A 140 -0.56 6.74 -13.11
N LEU A 141 0.63 6.51 -12.56
CA LEU A 141 0.76 6.29 -11.13
C LEU A 141 0.37 7.53 -10.33
N ARG A 142 0.77 8.72 -10.82
CA ARG A 142 0.37 9.96 -10.15
C ARG A 142 -1.14 10.12 -10.13
N GLN A 143 -1.79 9.82 -11.27
CA GLN A 143 -3.25 9.96 -11.34
C GLN A 143 -3.94 8.99 -10.41
N LEU A 144 -3.45 7.74 -10.32
CA LEU A 144 -4.04 6.80 -9.38
C LEU A 144 -3.84 7.26 -7.93
N HIS A 145 -2.63 7.75 -7.62
CA HIS A 145 -2.35 8.17 -6.25
C HIS A 145 -3.17 9.40 -5.86
N ALA A 146 -3.50 10.25 -6.84
CA ALA A 146 -4.28 11.45 -6.55
C ALA A 146 -5.74 11.16 -6.23
N ALA A 147 -6.20 9.93 -6.43
CA ALA A 147 -7.59 9.59 -6.15
C ALA A 147 -7.90 9.74 -4.67
N ALA A 148 -9.06 10.32 -4.36
CA ALA A 148 -9.47 10.54 -2.99
C ALA A 148 -10.47 9.52 -2.47
N ASP A 149 -11.25 8.91 -3.36
CA ASP A 149 -12.27 7.94 -2.96
C ASP A 149 -12.07 6.65 -3.74
N LEU A 150 -12.61 5.56 -3.18
CA LEU A 150 -12.46 4.25 -3.81
C LEU A 150 -13.16 4.20 -5.15
N GLN A 151 -14.37 4.78 -5.25
CA GLN A 151 -15.08 4.80 -6.52
C GLN A 151 -14.32 5.60 -7.56
N THR A 152 -13.78 6.76 -7.16
CA THR A 152 -12.96 7.55 -8.08
C THR A 152 -11.72 6.78 -8.51
N LEU A 153 -11.10 6.05 -7.56
CA LEU A 153 -9.93 5.24 -7.88
C LEU A 153 -10.27 4.17 -8.92
N TYR A 154 -11.39 3.49 -8.73
CA TYR A 154 -11.82 2.49 -9.71
C TYR A 154 -12.06 3.14 -11.07
N GLU A 155 -12.73 4.30 -11.08
CA GLU A 155 -13.04 4.96 -12.34
C GLU A 155 -11.77 5.32 -13.10
N VAL A 156 -10.79 5.94 -12.41
CA VAL A 156 -9.57 6.32 -13.11
C VAL A 156 -8.80 5.08 -13.55
N SER A 157 -8.77 4.05 -12.71
CA SER A 157 -8.05 2.84 -13.07
C SER A 157 -8.59 2.26 -14.37
N VAL A 158 -9.90 2.05 -14.44
CA VAL A 158 -10.48 1.46 -15.65
C VAL A 158 -10.33 2.40 -16.84
N ARG A 159 -10.44 3.71 -16.63
CA ARG A 159 -10.37 4.63 -17.77
C ARG A 159 -8.97 4.66 -18.37
N GLU A 160 -7.93 4.69 -17.54
CA GLU A 160 -6.58 4.71 -18.09
C GLU A 160 -6.18 3.33 -18.63
N ILE A 161 -6.69 2.25 -18.03
CA ILE A 161 -6.42 0.93 -18.61
C ILE A 161 -7.02 0.83 -20.00
N GLN A 162 -8.26 1.32 -20.18
CA GLN A 162 -8.82 1.36 -21.53
C GLN A 162 -8.07 2.33 -22.42
N ARG A 163 -7.49 3.38 -21.84
CA ARG A 163 -6.72 4.33 -22.64
C ARG A 163 -5.49 3.66 -23.25
N MET A 164 -4.74 2.90 -22.45
CA MET A 164 -3.55 2.25 -23.00
C MET A 164 -3.92 1.03 -23.82
N THR A 165 -4.56 0.04 -23.19
CA THR A 165 -4.93 -1.17 -23.89
C THR A 165 -6.03 -0.90 -24.90
N GLY A 166 -5.88 -1.47 -26.09
CA GLY A 166 -6.85 -1.28 -27.15
C GLY A 166 -8.13 -2.06 -26.99
N TYR A 167 -8.28 -2.80 -25.89
CA TYR A 167 -9.46 -3.60 -25.65
C TYR A 167 -10.67 -2.71 -25.43
N ASP A 168 -11.80 -3.07 -26.05
CA ASP A 168 -12.98 -2.21 -26.01
C ASP A 168 -13.51 -2.04 -24.59
N ARG A 169 -13.96 -3.13 -23.98
CA ARG A 169 -14.60 -3.07 -22.68
C ARG A 169 -13.59 -3.40 -21.59
N VAL A 170 -13.59 -2.61 -20.52
CA VAL A 170 -12.73 -2.86 -19.37
C VAL A 170 -13.60 -2.83 -18.12
N LEU A 171 -13.62 -3.92 -17.38
CA LEU A 171 -14.41 -4.04 -16.16
C LEU A 171 -13.51 -4.40 -15.00
N ILE A 172 -14.00 -4.17 -13.79
CA ILE A 172 -13.33 -4.59 -12.57
C ILE A 172 -14.36 -5.25 -11.67
N TYR A 173 -14.25 -6.56 -11.49
CA TYR A 173 -15.09 -7.30 -10.58
C TYR A 173 -14.44 -7.32 -9.20
N ARG A 174 -15.22 -7.00 -8.18
CA ARG A 174 -14.80 -7.08 -6.79
C ARG A 174 -15.51 -8.28 -6.17
N PHE A 175 -14.75 -9.32 -5.86
CA PHE A 175 -15.35 -10.57 -5.37
C PHE A 175 -15.77 -10.40 -3.92
N GLU A 176 -17.07 -10.55 -3.67
CA GLU A 176 -17.57 -10.56 -2.30
C GLU A 176 -17.08 -11.82 -1.59
N GLU A 177 -16.99 -11.73 -0.27
CA GLU A 177 -16.56 -12.90 0.52
C GLU A 177 -17.52 -14.07 0.37
N GLU A 178 -18.76 -13.81 -0.05
CA GLU A 178 -19.66 -14.92 -0.40
C GLU A 178 -19.12 -15.69 -1.60
N GLY A 179 -18.58 -14.99 -2.58
CA GLY A 179 -18.00 -15.62 -3.74
C GLY A 179 -18.45 -15.03 -5.06
N HIS A 180 -19.47 -14.19 -5.03
CA HIS A 180 -20.02 -13.61 -6.24
C HIS A 180 -19.23 -12.38 -6.65
N GLY A 181 -19.12 -12.17 -7.95
CA GLY A 181 -18.38 -11.06 -8.52
C GLY A 181 -19.32 -9.98 -9.06
N GLN A 182 -19.03 -8.75 -8.70
CA GLN A 182 -19.81 -7.59 -9.15
C GLN A 182 -18.91 -6.61 -9.87
N VAL A 183 -19.42 -6.04 -10.96
CA VAL A 183 -18.69 -5.04 -11.73
C VAL A 183 -18.78 -3.71 -11.00
N ILE A 184 -17.79 -3.41 -10.17
CA ILE A 184 -17.87 -2.17 -9.38
C ILE A 184 -17.69 -0.95 -10.28
N ALA A 185 -16.78 -1.03 -11.24
CA ALA A 185 -16.60 0.03 -12.23
C ALA A 185 -16.44 -0.59 -13.60
N GLU A 186 -16.79 0.19 -14.62
CA GLU A 186 -16.75 -0.30 -15.99
C GLU A 186 -16.48 0.86 -16.93
N ALA A 187 -15.59 0.64 -17.90
CA ALA A 187 -15.28 1.60 -18.95
C ALA A 187 -15.62 0.95 -20.28
N SER A 188 -16.90 1.05 -20.67
CA SER A 188 -17.38 0.43 -21.90
C SER A 188 -17.13 1.34 -23.09
N ALA A 189 -16.85 0.72 -24.23
CA ALA A 189 -16.65 1.47 -25.47
C ALA A 189 -17.97 2.11 -25.90
N PRO A 190 -17.91 3.23 -26.62
CA PRO A 190 -19.15 3.87 -27.07
C PRO A 190 -19.97 2.96 -27.97
N ALA A 191 -21.29 3.04 -27.83
CA ALA A 191 -22.24 2.21 -28.58
C ALA A 191 -21.94 0.73 -28.39
N MET A 192 -22.03 0.27 -27.14
CA MET A 192 -21.69 -1.09 -26.79
C MET A 192 -22.41 -1.44 -25.49
N GLU A 193 -22.43 -2.73 -25.17
CA GLU A 193 -23.21 -3.21 -24.03
C GLU A 193 -22.68 -2.63 -22.72
N LEU A 194 -23.59 -2.47 -21.76
CA LEU A 194 -23.30 -1.89 -20.47
C LEU A 194 -23.49 -2.95 -19.38
N PHE A 195 -22.46 -3.15 -18.57
CA PHE A 195 -22.48 -4.18 -17.54
C PHE A 195 -22.22 -3.63 -16.13
N ASN A 196 -22.22 -2.31 -15.95
CA ASN A 196 -22.02 -1.74 -14.64
C ASN A 196 -23.15 -2.13 -13.70
N GLY A 197 -22.80 -2.51 -12.47
CA GLY A 197 -23.78 -2.97 -11.51
C GLY A 197 -24.21 -4.41 -11.67
N LEU A 198 -23.60 -5.15 -12.59
CA LEU A 198 -23.98 -6.54 -12.82
C LEU A 198 -23.52 -7.42 -11.67
N PHE A 199 -24.12 -8.60 -11.59
CA PHE A 199 -23.78 -9.61 -10.60
C PHE A 199 -23.81 -10.98 -11.26
N PHE A 200 -22.80 -11.80 -10.98
CA PHE A 200 -22.78 -13.19 -11.41
C PHE A 200 -22.40 -14.08 -10.24
N PRO A 201 -22.89 -15.31 -10.21
CA PRO A 201 -22.70 -16.17 -9.03
C PRO A 201 -21.28 -16.71 -8.94
N ALA A 202 -20.99 -17.26 -7.76
CA ALA A 202 -19.66 -17.84 -7.52
C ALA A 202 -19.42 -19.07 -8.39
N SER A 203 -20.47 -19.83 -8.69
CA SER A 203 -20.33 -21.01 -9.53
C SER A 203 -19.93 -20.69 -10.96
N ASP A 204 -20.01 -19.42 -11.37
CA ASP A 204 -19.60 -19.04 -12.72
C ASP A 204 -18.10 -19.17 -12.93
N ILE A 205 -17.32 -19.20 -11.84
CA ILE A 205 -15.88 -19.41 -11.89
C ILE A 205 -15.56 -20.57 -10.96
N PRO A 206 -15.05 -21.70 -11.48
CA PRO A 206 -14.75 -22.84 -10.61
C PRO A 206 -13.62 -22.54 -9.64
N GLU A 207 -13.58 -23.36 -8.57
CA GLU A 207 -12.56 -23.16 -7.55
C GLU A 207 -11.16 -23.42 -8.09
N GLN A 208 -11.00 -24.37 -9.01
CA GLN A 208 -9.71 -24.56 -9.65
C GLN A 208 -9.32 -23.33 -10.46
N ALA A 209 -10.29 -22.73 -11.15
CA ALA A 209 -10.03 -21.49 -11.88
C ALA A 209 -9.62 -20.37 -10.94
N ARG A 210 -10.29 -20.27 -9.78
CA ARG A 210 -9.93 -19.23 -8.82
C ARG A 210 -8.53 -19.47 -8.26
N GLU A 211 -8.17 -20.72 -8.00
CA GLU A 211 -6.82 -21.03 -7.54
C GLU A 211 -5.79 -20.64 -8.58
N LEU A 212 -6.06 -20.94 -9.85
CA LEU A 212 -5.14 -20.57 -10.91
C LEU A 212 -5.07 -19.06 -11.11
N TYR A 213 -6.17 -18.36 -10.82
CA TYR A 213 -6.17 -16.90 -10.93
C TYR A 213 -5.31 -16.29 -9.83
N ARG A 214 -5.49 -16.75 -8.59
CA ARG A 214 -4.73 -16.22 -7.47
C ARG A 214 -3.27 -16.62 -7.50
N ARG A 215 -2.93 -17.81 -7.99
CA ARG A 215 -1.53 -18.21 -8.10
C ARG A 215 -0.76 -17.30 -9.03
N ASN A 216 -1.33 -16.96 -10.18
CA ASN A 216 -0.68 -16.14 -11.17
C ASN A 216 -1.16 -14.70 -11.06
N TRP A 217 -0.76 -13.85 -12.01
CA TRP A 217 -1.19 -12.47 -12.06
C TRP A 217 -2.00 -12.12 -13.30
N LEU A 218 -1.77 -12.81 -14.42
CA LEU A 218 -2.49 -12.52 -15.66
C LEU A 218 -3.04 -13.80 -16.26
N ARG A 219 -4.24 -13.69 -16.83
CA ARG A 219 -4.84 -14.73 -17.66
C ARG A 219 -5.19 -14.08 -19.00
N ILE A 220 -4.71 -14.69 -20.09
CA ILE A 220 -4.88 -14.14 -21.42
C ILE A 220 -5.53 -15.18 -22.31
N ILE A 221 -6.60 -14.79 -22.98
CA ILE A 221 -7.27 -15.64 -23.97
C ILE A 221 -7.35 -14.82 -25.26
N PRO A 222 -6.34 -14.91 -26.13
CA PRO A 222 -6.37 -14.09 -27.36
C PRO A 222 -7.56 -14.37 -28.27
N ASP A 223 -7.99 -15.63 -28.35
CA ASP A 223 -9.07 -16.01 -29.25
C ASP A 223 -10.07 -16.90 -28.51
N ALA A 224 -11.36 -16.64 -28.73
CA ALA A 224 -12.39 -17.47 -28.12
C ALA A 224 -12.66 -18.72 -28.95
N ASN A 225 -13.14 -18.55 -30.18
CA ASN A 225 -13.49 -19.68 -31.03
C ASN A 225 -12.20 -20.33 -31.54
N TYR A 226 -11.59 -21.13 -30.67
CA TYR A 226 -10.33 -21.79 -30.95
C TYR A 226 -10.43 -23.26 -30.61
N THR A 227 -9.66 -24.07 -31.32
CA THR A 227 -9.59 -25.51 -31.06
C THR A 227 -8.32 -25.79 -30.28
N PRO A 228 -8.40 -26.24 -29.03
CA PRO A 228 -7.18 -26.50 -28.26
C PRO A 228 -6.33 -27.59 -28.89
N VAL A 229 -5.03 -27.43 -28.80
CA VAL A 229 -4.06 -28.41 -29.29
C VAL A 229 -3.52 -29.18 -28.09
N PRO A 230 -3.63 -30.51 -28.07
CA PRO A 230 -3.30 -31.27 -26.87
C PRO A 230 -1.80 -31.56 -26.78
N LEU A 231 -1.42 -32.22 -25.69
CA LEU A 231 -0.04 -32.61 -25.42
C LEU A 231 0.11 -34.09 -25.76
N VAL A 232 1.31 -34.46 -26.21
CA VAL A 232 1.61 -35.86 -26.50
C VAL A 232 3.05 -36.18 -26.10
N PRO A 233 3.28 -37.22 -25.29
CA PRO A 233 2.30 -38.12 -24.67
C PRO A 233 1.47 -37.41 -23.61
N GLN A 234 0.19 -37.77 -23.50
CA GLN A 234 -0.70 -37.06 -22.57
C GLN A 234 -0.31 -37.35 -21.12
N LEU A 235 -0.31 -38.62 -20.73
CA LEU A 235 0.05 -38.98 -19.37
C LEU A 235 1.51 -38.65 -19.08
N ARG A 236 1.77 -38.20 -17.87
CA ARG A 236 3.12 -37.83 -17.48
C ARG A 236 4.01 -39.07 -17.49
N PRO A 237 5.16 -39.04 -18.18
CA PRO A 237 6.02 -40.23 -18.22
C PRO A 237 6.56 -40.65 -16.87
N ASP A 238 6.59 -39.75 -15.88
CA ASP A 238 7.14 -40.06 -14.57
C ASP A 238 6.10 -40.62 -13.61
N THR A 239 5.04 -39.86 -13.32
CA THR A 239 4.03 -40.27 -12.37
C THR A 239 2.66 -39.90 -12.93
N GLN A 240 1.65 -39.95 -12.06
CA GLN A 240 0.29 -39.62 -12.44
C GLN A 240 0.09 -38.10 -12.37
N GLN A 241 -1.18 -37.69 -12.44
CA GLN A 241 -1.61 -36.30 -12.29
C GLN A 241 -1.24 -35.45 -13.51
N GLN A 242 -0.69 -36.09 -14.55
CA GLN A 242 -0.42 -35.43 -15.83
C GLN A 242 0.53 -34.26 -15.68
N LEU A 243 0.55 -33.38 -16.68
CA LEU A 243 1.43 -32.22 -16.63
C LEU A 243 0.72 -31.07 -15.92
N ASP A 244 1.40 -30.50 -14.94
CA ASP A 244 0.85 -29.41 -14.12
C ASP A 244 0.85 -28.13 -14.93
N LEU A 245 -0.24 -27.87 -15.64
CA LEU A 245 -0.38 -26.62 -16.39
C LEU A 245 -1.09 -25.58 -15.53
N SER A 246 -0.57 -25.33 -14.33
CA SER A 246 -1.16 -24.35 -13.42
C SER A 246 -0.42 -23.03 -13.41
N PHE A 247 0.90 -23.04 -13.62
CA PHE A 247 1.69 -21.83 -13.71
C PHE A 247 2.00 -21.44 -15.15
N SER A 248 1.39 -22.10 -16.12
CA SER A 248 1.67 -21.86 -17.52
C SER A 248 0.74 -20.79 -18.08
N THR A 249 1.33 -19.77 -18.71
CA THR A 249 0.52 -18.77 -19.40
C THR A 249 -0.27 -19.41 -20.54
N LEU A 250 0.37 -20.31 -21.28
CA LEU A 250 -0.30 -21.06 -22.34
C LEU A 250 -1.04 -22.22 -21.72
N ARG A 251 -2.37 -22.20 -21.79
CA ARG A 251 -3.17 -23.24 -21.18
C ARG A 251 -4.55 -23.26 -21.83
N SER A 252 -5.10 -24.45 -22.04
CA SER A 252 -6.37 -24.59 -22.70
C SER A 252 -7.49 -23.93 -21.90
N VAL A 253 -8.45 -23.35 -22.62
CA VAL A 253 -9.61 -22.70 -22.03
C VAL A 253 -10.79 -23.66 -22.09
N SER A 254 -11.49 -23.80 -20.96
CA SER A 254 -12.63 -24.70 -20.92
C SER A 254 -13.70 -24.23 -21.90
N PRO A 255 -14.32 -25.15 -22.64
CA PRO A 255 -15.34 -24.74 -23.62
C PRO A 255 -16.53 -24.02 -23.03
N ILE A 256 -16.82 -24.23 -21.74
CA ILE A 256 -17.96 -23.56 -21.12
C ILE A 256 -17.75 -22.05 -21.10
N HIS A 257 -16.70 -21.59 -20.40
CA HIS A 257 -16.38 -20.18 -20.39
C HIS A 257 -15.99 -19.68 -21.78
N CYS A 258 -15.52 -20.58 -22.64
CA CYS A 258 -15.19 -20.21 -24.01
C CYS A 258 -16.43 -19.75 -24.78
N GLN A 259 -17.48 -20.58 -24.76
CA GLN A 259 -18.74 -20.20 -25.39
C GLN A 259 -19.39 -19.04 -24.64
N TYR A 260 -19.14 -18.94 -23.33
CA TYR A 260 -19.60 -17.78 -22.58
C TYR A 260 -19.05 -16.50 -23.18
N MET A 261 -17.74 -16.46 -23.43
CA MET A 261 -17.14 -15.29 -24.07
C MET A 261 -17.63 -15.11 -25.50
N LYS A 262 -17.80 -16.22 -26.22
CA LYS A 262 -18.28 -16.13 -27.60
C LYS A 262 -19.66 -15.48 -27.69
N ASN A 263 -20.54 -15.81 -26.75
CA ASN A 263 -21.88 -15.22 -26.74
C ASN A 263 -21.83 -13.72 -26.51
N MET A 264 -20.91 -13.27 -25.65
CA MET A 264 -20.77 -11.84 -25.38
C MET A 264 -20.34 -11.07 -26.62
N GLY A 265 -19.74 -11.76 -27.59
CA GLY A 265 -19.12 -11.11 -28.72
C GLY A 265 -17.64 -10.88 -28.56
N VAL A 266 -17.13 -10.92 -27.33
CA VAL A 266 -15.72 -10.70 -27.07
C VAL A 266 -14.94 -11.97 -27.37
N LEU A 267 -13.90 -11.85 -28.19
CA LEU A 267 -13.04 -12.97 -28.54
C LEU A 267 -11.69 -12.94 -27.85
N SER A 268 -11.15 -11.75 -27.59
CA SER A 268 -9.94 -11.59 -26.80
C SER A 268 -10.30 -11.15 -25.39
N SER A 269 -9.63 -11.72 -24.40
CA SER A 269 -9.89 -11.41 -23.01
C SER A 269 -8.59 -11.32 -22.22
N MET A 270 -8.43 -10.21 -21.52
CA MET A 270 -7.37 -10.03 -20.54
C MET A 270 -7.96 -10.19 -19.15
N SER A 271 -7.11 -10.58 -18.19
CA SER A 271 -7.56 -10.70 -16.80
C SER A 271 -6.38 -10.46 -15.89
N VAL A 272 -6.41 -9.35 -15.16
CA VAL A 272 -5.36 -9.02 -14.20
C VAL A 272 -5.87 -9.37 -12.81
N SER A 273 -5.22 -10.34 -12.17
CA SER A 273 -5.66 -10.83 -10.87
C SER A 273 -5.24 -9.86 -9.78
N LEU A 274 -6.19 -9.08 -9.28
CA LEU A 274 -5.93 -8.21 -8.14
C LEU A 274 -5.83 -9.05 -6.88
N ILE A 275 -4.65 -9.10 -6.29
CA ILE A 275 -4.38 -9.94 -5.13
C ILE A 275 -4.04 -9.03 -3.95
N GLN A 276 -4.82 -9.12 -2.88
CA GLN A 276 -4.54 -8.41 -1.64
C GLN A 276 -3.66 -9.24 -0.73
N GLY A 277 -2.44 -9.50 -1.21
CA GLY A 277 -1.56 -10.42 -0.52
C GLY A 277 -1.66 -11.81 -1.09
N GLY A 278 -2.48 -12.66 -0.47
CA GLY A 278 -2.72 -13.99 -0.97
C GLY A 278 -4.18 -14.30 -1.21
N LYS A 279 -4.99 -13.26 -1.41
CA LYS A 279 -6.43 -13.40 -1.63
C LYS A 279 -6.83 -12.66 -2.89
N LEU A 280 -7.69 -13.29 -3.69
CA LEU A 280 -8.17 -12.70 -4.93
C LEU A 280 -9.24 -11.67 -4.61
N TRP A 281 -8.82 -10.41 -4.48
CA TRP A 281 -9.77 -9.33 -4.22
C TRP A 281 -10.72 -9.13 -5.39
N GLY A 282 -10.19 -9.23 -6.60
CA GLY A 282 -11.03 -9.07 -7.77
C GLY A 282 -10.26 -9.31 -9.04
N LEU A 283 -10.85 -8.90 -10.15
CA LEU A 283 -10.23 -9.11 -11.46
C LEU A 283 -10.53 -7.94 -12.38
N ILE A 284 -9.50 -7.42 -13.03
CA ILE A 284 -9.64 -6.45 -14.10
C ILE A 284 -9.70 -7.23 -15.41
N SER A 285 -10.85 -7.19 -16.07
CA SER A 285 -11.07 -7.97 -17.28
C SER A 285 -11.22 -7.04 -18.47
N CYS A 286 -10.40 -7.25 -19.50
CA CYS A 286 -10.46 -6.49 -20.74
C CYS A 286 -11.07 -7.39 -21.81
N GLY A 287 -12.33 -7.12 -22.16
CA GLY A 287 -13.01 -7.84 -23.21
C GLY A 287 -12.93 -7.09 -24.53
N HIS A 288 -12.51 -7.81 -25.57
CA HIS A 288 -12.38 -7.25 -26.91
C HIS A 288 -13.13 -8.15 -27.88
N ARG A 289 -13.99 -7.55 -28.70
CA ARG A 289 -14.82 -8.31 -29.63
C ARG A 289 -14.07 -8.83 -30.84
N THR A 290 -12.82 -8.40 -31.04
CA THR A 290 -12.00 -8.80 -32.16
C THR A 290 -10.70 -9.43 -31.67
N PRO A 291 -10.28 -10.55 -32.25
CA PRO A 291 -9.02 -11.17 -31.81
C PRO A 291 -7.85 -10.22 -31.94
N LEU A 292 -6.98 -10.24 -30.93
CA LEU A 292 -5.82 -9.34 -30.89
C LEU A 292 -4.77 -9.95 -29.98
N TYR A 293 -3.55 -9.42 -30.09
CA TYR A 293 -2.42 -9.88 -29.31
C TYR A 293 -2.24 -9.00 -28.07
N VAL A 294 -1.14 -9.21 -27.35
CA VAL A 294 -0.89 -8.57 -26.07
C VAL A 294 0.42 -7.79 -26.07
N SER A 295 1.49 -8.41 -26.61
CA SER A 295 2.85 -7.88 -26.61
C SER A 295 3.46 -7.91 -25.22
N HIS A 296 4.76 -8.23 -25.14
CA HIS A 296 5.39 -8.46 -23.84
C HIS A 296 5.46 -7.19 -23.00
N GLU A 297 5.77 -6.05 -23.63
CA GLU A 297 5.88 -4.81 -22.88
C GLU A 297 4.55 -4.42 -22.24
N LEU A 298 3.45 -4.54 -22.99
CA LEU A 298 2.14 -4.24 -22.44
C LEU A 298 1.73 -5.27 -21.39
N ARG A 299 2.20 -6.52 -21.53
CA ARG A 299 1.85 -7.56 -20.58
C ARG A 299 2.36 -7.24 -19.18
N SER A 300 3.61 -6.77 -19.09
CA SER A 300 4.17 -6.42 -17.78
C SER A 300 3.58 -5.11 -17.26
N ALA A 301 3.29 -4.16 -18.15
CA ALA A 301 2.71 -2.89 -17.70
C ALA A 301 1.34 -3.10 -17.07
N CYS A 302 0.51 -3.94 -17.69
CA CYS A 302 -0.78 -4.27 -17.11
C CYS A 302 -0.63 -4.99 -15.78
N GLN A 303 0.33 -5.92 -15.70
CA GLN A 303 0.58 -6.61 -14.44
C GLN A 303 1.04 -5.64 -13.36
N ALA A 304 1.94 -4.72 -13.72
CA ALA A 304 2.41 -3.72 -12.75
C ALA A 304 1.26 -2.85 -12.27
N ILE A 305 0.31 -2.55 -13.16
CA ILE A 305 -0.86 -1.77 -12.76
C ILE A 305 -1.66 -2.53 -11.70
N GLY A 306 -1.88 -3.82 -11.93
CA GLY A 306 -2.60 -4.61 -10.95
C GLY A 306 -1.86 -4.71 -9.62
N GLN A 307 -0.54 -4.88 -9.69
CA GLN A 307 0.26 -4.90 -8.46
C GLN A 307 0.20 -3.54 -7.75
N VAL A 308 0.29 -2.45 -8.51
CA VAL A 308 0.23 -1.12 -7.91
C VAL A 308 -1.18 -0.83 -7.40
N LEU A 309 -2.20 -1.15 -8.21
CA LEU A 309 -3.56 -0.83 -7.82
C LEU A 309 -3.99 -1.63 -6.60
N SER A 310 -3.62 -2.91 -6.54
CA SER A 310 -3.92 -3.72 -5.36
C SER A 310 -3.21 -3.19 -4.13
N LEU A 311 -2.01 -2.62 -4.30
CA LEU A 311 -1.35 -1.94 -3.20
C LEU A 311 -2.17 -0.73 -2.74
N GLN A 312 -2.72 0.03 -3.70
CA GLN A 312 -3.52 1.19 -3.34
C GLN A 312 -4.84 0.78 -2.69
N ILE A 313 -5.51 -0.24 -3.25
CA ILE A 313 -6.77 -0.67 -2.66
C ILE A 313 -6.55 -1.18 -1.24
N SER A 314 -5.51 -1.98 -1.03
CA SER A 314 -5.22 -2.46 0.32
C SER A 314 -4.90 -1.30 1.26
N ALA A 315 -4.13 -0.32 0.78
CA ALA A 315 -3.85 0.85 1.58
C ALA A 315 -5.09 1.72 1.77
N MET A 316 -5.82 2.01 0.68
CA MET A 316 -6.95 2.91 0.78
C MET A 316 -8.17 2.26 1.43
N GLU A 317 -8.31 0.94 1.35
CA GLU A 317 -9.35 0.28 2.13
C GLU A 317 -9.10 0.48 3.62
N ALA A 318 -7.83 0.40 4.04
CA ALA A 318 -7.49 0.70 5.44
C ALA A 318 -7.89 2.13 5.78
N LEU A 319 -7.73 3.06 4.85
CA LEU A 319 -8.24 4.42 5.03
C LEU A 319 -9.77 4.40 5.14
N GLU A 320 -10.42 3.55 4.35
CA GLU A 320 -11.88 3.50 4.35
C GLU A 320 -12.43 3.01 5.69
N VAL A 321 -11.88 1.91 6.21
CA VAL A 321 -12.39 1.36 7.46
C VAL A 321 -12.06 2.26 8.63
N SER A 322 -10.87 2.87 8.63
CA SER A 322 -10.48 3.77 9.70
C SER A 322 -11.43 4.96 9.77
N ARG A 323 -11.87 5.47 8.61
CA ARG A 323 -12.89 6.50 8.61
C ARG A 323 -14.19 6.01 9.24
N GLN A 324 -14.60 4.79 8.90
CA GLN A 324 -15.76 4.20 9.55
C GLN A 324 -15.50 3.94 11.02
N ARG A 325 -14.30 3.47 11.36
CA ARG A 325 -13.96 3.22 12.76
C ARG A 325 -14.01 4.50 13.58
N GLU A 326 -13.47 5.60 13.03
CA GLU A 326 -13.59 6.88 13.70
C GLU A 326 -15.05 7.32 13.78
N THR A 327 -15.81 7.10 12.71
CA THR A 327 -17.23 7.44 12.73
C THR A 327 -18.00 6.55 13.70
N LYS A 328 -17.63 5.27 13.78
CA LYS A 328 -18.32 4.36 14.69
C LYS A 328 -18.01 4.71 16.14
N ILE A 329 -16.74 4.93 16.46
CA ILE A 329 -16.35 5.23 17.84
C ILE A 329 -16.95 6.56 18.28
N GLN A 330 -16.90 7.57 17.41
CA GLN A 330 -17.46 8.87 17.76
C GLN A 330 -18.97 8.78 17.97
N THR A 331 -19.65 7.98 17.15
CA THR A 331 -21.10 7.84 17.28
C THR A 331 -21.48 7.23 18.62
N LEU A 332 -20.74 6.20 19.07
CA LEU A 332 -21.06 5.54 20.32
C LEU A 332 -20.97 6.50 21.50
N GLN A 333 -19.93 7.33 21.54
CA GLN A 333 -19.87 8.37 22.56
C GLN A 333 -20.92 9.44 22.30
N GLN A 334 -21.20 9.73 21.02
CA GLN A 334 -22.27 10.66 20.69
C GLN A 334 -23.63 10.12 21.11
N LEU A 335 -23.88 8.83 20.87
CA LEU A 335 -25.12 8.22 21.32
C LEU A 335 -25.23 8.23 22.84
N HIS A 336 -24.08 8.17 23.53
CA HIS A 336 -24.10 8.20 25.00
C HIS A 336 -24.72 9.50 25.52
N GLN A 337 -24.38 10.63 24.91
CA GLN A 337 -24.96 11.90 25.33
C GLN A 337 -26.46 11.91 25.11
N MET A 338 -26.91 11.39 23.96
CA MET A 338 -28.35 11.27 23.70
C MET A 338 -28.98 10.29 24.70
N MET A 339 -28.34 9.14 24.89
CA MET A 339 -28.87 8.12 25.78
C MET A 339 -28.98 8.62 27.21
N ALA A 340 -27.99 9.39 27.68
CA ALA A 340 -28.00 9.87 29.05
C ALA A 340 -29.18 10.82 29.29
N THR A 341 -29.51 11.66 28.31
CA THR A 341 -30.58 12.63 28.48
C THR A 341 -31.96 12.00 28.56
N SER A 342 -32.11 10.72 28.19
CA SER A 342 -33.40 10.06 28.27
C SER A 342 -33.81 9.86 29.73
N ASP A 343 -35.13 9.81 29.95
CA ASP A 343 -35.67 9.64 31.29
C ASP A 343 -36.63 8.48 31.44
N THR A 344 -37.11 7.87 30.35
CA THR A 344 -38.08 6.79 30.42
C THR A 344 -37.50 5.46 29.96
N ASP A 345 -36.98 5.39 28.73
CA ASP A 345 -36.39 4.17 28.21
C ASP A 345 -35.11 4.50 27.48
N VAL A 346 -34.04 3.75 27.76
CA VAL A 346 -32.75 4.02 27.15
C VAL A 346 -32.80 3.75 25.64
N PHE A 347 -33.39 2.62 25.25
CA PHE A 347 -33.42 2.28 23.83
C PHE A 347 -34.48 3.08 23.08
N ASP A 348 -35.61 3.38 23.72
CA ASP A 348 -36.62 4.23 23.08
C ASP A 348 -36.09 5.64 22.90
N GLY A 349 -35.30 6.13 23.86
CA GLY A 349 -34.62 7.41 23.67
C GLY A 349 -33.64 7.36 22.52
N LEU A 350 -33.02 6.20 22.29
CA LEU A 350 -32.13 6.04 21.15
C LEU A 350 -32.87 6.16 19.82
N ALA A 351 -34.19 5.98 19.83
CA ALA A 351 -35.00 6.12 18.63
C ALA A 351 -35.31 7.57 18.29
N GLN A 352 -35.07 8.51 19.21
CA GLN A 352 -35.30 9.92 18.92
C GLN A 352 -34.36 10.44 17.84
N GLN A 353 -33.24 9.76 17.60
CA GLN A 353 -32.30 10.10 16.53
C GLN A 353 -32.05 8.83 15.73
N PRO A 354 -33.01 8.44 14.89
CA PRO A 354 -32.89 7.16 14.17
C PRO A 354 -31.95 7.21 12.98
N GLN A 355 -31.88 8.36 12.31
CA GLN A 355 -30.98 8.49 11.17
C GLN A 355 -29.53 8.30 11.58
N LEU A 356 -29.18 8.71 12.81
CA LEU A 356 -27.85 8.44 13.34
C LEU A 356 -27.65 6.95 13.60
N LEU A 357 -28.72 6.24 13.97
CA LEU A 357 -28.61 4.82 14.26
C LEU A 357 -28.35 4.01 13.00
N MET A 358 -28.93 4.43 11.87
CA MET A 358 -28.76 3.69 10.62
C MET A 358 -27.29 3.60 10.23
N ASP A 359 -26.58 4.72 10.25
CA ASP A 359 -25.20 4.77 9.77
C ASP A 359 -24.18 4.31 10.80
N LEU A 360 -24.61 4.03 12.04
CA LEU A 360 -23.67 3.56 13.04
C LEU A 360 -23.07 2.20 12.65
N VAL A 361 -23.91 1.31 12.13
CA VAL A 361 -23.45 -0.01 11.72
C VAL A 361 -23.45 -0.18 10.21
N GLY A 362 -24.26 0.57 9.47
CA GLY A 362 -24.39 0.41 8.04
C GLY A 362 -25.63 -0.40 7.70
N ALA A 363 -26.70 0.28 7.34
CA ALA A 363 -27.99 -0.36 7.15
C ALA A 363 -28.92 0.61 6.44
N THR A 364 -30.13 0.14 6.15
CA THR A 364 -31.16 0.97 5.56
C THR A 364 -32.42 1.06 6.40
N GLY A 365 -32.81 -0.01 7.09
CA GLY A 365 -33.96 0.01 7.96
C GLY A 365 -33.56 -0.28 9.40
N VAL A 366 -34.22 0.40 10.33
CA VAL A 366 -33.96 0.26 11.75
C VAL A 366 -35.29 0.17 12.48
N ALA A 367 -35.40 -0.79 13.39
CA ALA A 367 -36.62 -0.99 14.16
C ALA A 367 -36.28 -0.95 15.64
N ILE A 368 -36.95 -0.09 16.39
CA ILE A 368 -36.83 -0.01 17.84
C ILE A 368 -38.11 -0.60 18.42
N ILE A 369 -37.97 -1.68 19.18
CA ILE A 369 -39.11 -2.48 19.62
C ILE A 369 -39.39 -2.17 21.08
N GLU A 370 -40.55 -1.61 21.35
CA GLU A 370 -41.08 -1.48 22.70
C GLU A 370 -42.14 -2.56 22.91
N ASP A 371 -42.86 -2.48 24.03
CA ASP A 371 -43.92 -3.43 24.33
C ASP A 371 -45.08 -3.18 23.37
N ARG A 372 -45.22 -4.07 22.38
CA ARG A 372 -46.26 -4.00 21.34
C ARG A 372 -46.23 -2.68 20.57
N GLN A 373 -45.11 -1.95 20.64
CA GLN A 373 -44.95 -0.67 19.93
C GLN A 373 -43.59 -0.69 19.25
N THR A 374 -43.53 -1.22 18.04
CA THR A 374 -42.29 -1.24 17.27
C THR A 374 -42.06 0.14 16.68
N HIS A 375 -41.23 0.93 17.35
CA HIS A 375 -40.93 2.28 16.89
C HIS A 375 -40.02 2.23 15.67
N CYS A 376 -40.56 1.76 14.55
CA CYS A 376 -39.75 1.55 13.36
C CYS A 376 -39.38 2.89 12.71
N TYR A 377 -38.33 2.84 11.89
CA TYR A 377 -37.84 4.02 11.19
C TYR A 377 -37.06 3.55 9.97
N GLY A 378 -37.45 4.05 8.79
CA GLY A 378 -36.85 3.60 7.55
C GLY A 378 -37.75 2.64 6.80
N ASN A 379 -37.18 1.57 6.25
CA ASN A 379 -37.93 0.55 5.53
C ASN A 379 -37.92 -0.74 6.34
N CYS A 380 -39.04 -1.04 6.98
CA CYS A 380 -39.22 -2.26 7.75
C CYS A 380 -40.66 -2.72 7.59
N PRO A 381 -40.94 -4.00 7.85
CA PRO A 381 -42.33 -4.47 7.80
C PRO A 381 -43.17 -3.84 8.89
N GLU A 382 -44.48 -4.05 8.80
CA GLU A 382 -45.34 -3.59 9.86
C GLU A 382 -45.08 -4.44 11.12
N PRO A 383 -45.37 -3.89 12.31
CA PRO A 383 -44.81 -4.48 13.54
C PRO A 383 -45.18 -5.94 13.75
N SER A 384 -46.35 -6.37 13.29
CA SER A 384 -46.80 -7.73 13.60
C SER A 384 -45.97 -8.80 12.90
N ASP A 385 -45.21 -8.46 11.87
CA ASP A 385 -44.41 -9.48 11.19
C ASP A 385 -43.06 -9.71 11.84
N ILE A 386 -42.34 -8.64 12.18
CA ILE A 386 -41.00 -8.80 12.75
C ILE A 386 -41.13 -8.97 14.25
N ARG A 387 -42.37 -9.08 14.74
CA ARG A 387 -42.57 -9.48 16.13
C ARG A 387 -42.04 -10.88 16.36
N ALA A 388 -42.39 -11.82 15.47
CA ALA A 388 -41.89 -13.19 15.60
C ALA A 388 -40.37 -13.24 15.52
N LEU A 389 -39.78 -12.41 14.65
CA LEU A 389 -38.33 -12.35 14.58
C LEU A 389 -37.73 -11.88 15.90
N HIS A 390 -38.40 -10.95 16.57
CA HIS A 390 -37.95 -10.50 17.89
C HIS A 390 -38.04 -11.64 18.91
N THR A 391 -39.13 -12.39 18.89
CA THR A 391 -39.25 -13.55 19.78
C THR A 391 -38.26 -14.64 19.41
N TRP A 392 -38.04 -14.86 18.12
CA TRP A 392 -37.09 -15.90 17.70
C TRP A 392 -35.68 -15.58 18.17
N MET A 393 -35.34 -14.30 18.36
CA MET A 393 -34.09 -13.97 19.02
C MET A 393 -34.05 -14.53 20.43
N MET A 394 -35.18 -14.45 21.16
CA MET A 394 -35.22 -14.97 22.52
C MET A 394 -35.06 -16.49 22.56
N ALA A 395 -35.24 -17.18 21.44
CA ALA A 395 -35.06 -18.63 21.41
C ALA A 395 -33.61 -19.03 21.65
N GLY A 396 -32.65 -18.12 21.43
CA GLY A 396 -31.25 -18.42 21.67
C GLY A 396 -30.58 -17.43 22.60
N GLY A 397 -31.17 -16.25 22.74
CA GLY A 397 -30.60 -15.23 23.60
C GLY A 397 -29.22 -14.77 23.17
N GLU A 398 -28.98 -14.71 21.87
CA GLU A 398 -27.66 -14.31 21.38
C GLU A 398 -27.49 -12.80 21.49
N PRO A 399 -26.32 -12.33 21.95
CA PRO A 399 -26.08 -10.88 21.98
C PRO A 399 -26.19 -10.22 20.63
N VAL A 400 -25.76 -10.91 19.56
CA VAL A 400 -25.90 -10.43 18.20
C VAL A 400 -26.50 -11.54 17.35
N TYR A 401 -27.15 -11.15 16.27
CA TYR A 401 -27.86 -12.07 15.40
C TYR A 401 -27.54 -11.75 13.94
N ALA A 402 -26.25 -11.52 13.64
CA ALA A 402 -25.82 -11.22 12.29
C ALA A 402 -26.20 -12.36 11.35
N SER A 403 -27.11 -12.10 10.42
CA SER A 403 -27.66 -13.11 9.53
C SER A 403 -27.51 -12.65 8.09
N HIS A 404 -26.60 -13.28 7.35
CA HIS A 404 -26.50 -13.01 5.92
C HIS A 404 -27.76 -13.41 5.19
N HIS A 405 -28.35 -14.55 5.58
CA HIS A 405 -29.58 -15.06 4.98
C HIS A 405 -30.61 -15.24 6.08
N LEU A 406 -31.82 -14.73 5.84
CA LEU A 406 -32.88 -14.82 6.83
C LEU A 406 -33.77 -16.04 6.62
N SER A 407 -34.17 -16.29 5.37
CA SER A 407 -35.03 -17.45 5.10
C SER A 407 -34.29 -18.76 5.37
N SER A 408 -32.96 -18.76 5.26
CA SER A 408 -32.20 -19.97 5.53
C SER A 408 -32.33 -20.38 7.00
N VAL A 409 -32.28 -19.42 7.91
CA VAL A 409 -32.40 -19.71 9.34
C VAL A 409 -33.85 -19.63 9.80
N TYR A 410 -34.55 -18.55 9.45
CA TYR A 410 -35.95 -18.38 9.83
C TYR A 410 -36.82 -18.88 8.69
N PRO A 411 -37.56 -19.97 8.87
CA PRO A 411 -38.30 -20.58 7.74
C PRO A 411 -39.29 -19.63 7.09
N PRO A 412 -40.26 -19.01 7.88
CA PRO A 412 -41.28 -18.17 7.24
C PRO A 412 -40.80 -16.75 6.92
N GLY A 413 -39.62 -16.66 6.30
CA GLY A 413 -39.03 -15.39 5.96
C GLY A 413 -39.51 -14.77 4.65
N GLU A 414 -40.36 -15.47 3.91
CA GLU A 414 -40.83 -14.94 2.63
C GLU A 414 -41.76 -13.74 2.78
N ALA A 415 -42.37 -13.57 3.96
CA ALA A 415 -43.28 -12.45 4.16
C ALA A 415 -42.55 -11.12 4.05
N TYR A 416 -41.26 -11.09 4.35
CA TYR A 416 -40.45 -9.88 4.20
C TYR A 416 -39.08 -10.18 3.61
N GLN A 417 -39.00 -11.22 2.77
CA GLN A 417 -37.73 -11.56 2.14
C GLN A 417 -37.26 -10.49 1.16
N THR A 418 -38.21 -9.75 0.57
CA THR A 418 -37.85 -8.73 -0.40
C THR A 418 -37.11 -7.57 0.25
N LEU A 419 -37.52 -7.17 1.45
CA LEU A 419 -36.98 -5.99 2.11
C LEU A 419 -36.15 -6.31 3.34
N ALA A 420 -36.52 -7.32 4.11
CA ALA A 420 -35.84 -7.66 5.36
C ALA A 420 -35.19 -9.04 5.21
N SER A 421 -33.96 -9.06 4.70
CA SER A 421 -33.19 -10.28 4.54
C SER A 421 -31.95 -10.29 5.41
N GLY A 422 -31.08 -9.28 5.28
CA GLY A 422 -29.91 -9.19 6.14
C GLY A 422 -30.26 -8.53 7.45
N VAL A 423 -30.40 -9.34 8.51
CA VAL A 423 -30.87 -8.87 9.80
C VAL A 423 -29.74 -9.00 10.81
N LEU A 424 -29.52 -7.94 11.58
CA LEU A 424 -28.68 -7.98 12.77
C LEU A 424 -29.36 -7.16 13.85
N ALA A 425 -29.24 -7.62 15.10
CA ALA A 425 -29.93 -6.96 16.20
C ALA A 425 -29.18 -7.25 17.49
N MET A 426 -29.63 -6.60 18.56
CA MET A 426 -29.06 -6.78 19.88
C MET A 426 -30.07 -6.29 20.91
N SER A 427 -29.97 -6.85 22.12
CA SER A 427 -30.88 -6.49 23.20
C SER A 427 -30.35 -7.09 24.50
N LEU A 428 -30.48 -6.32 25.58
CA LEU A 428 -30.13 -6.83 26.90
C LEU A 428 -31.17 -7.86 27.35
N PRO A 429 -30.79 -8.82 28.19
CA PRO A 429 -31.78 -9.77 28.71
C PRO A 429 -32.70 -9.11 29.73
N LYS A 430 -33.94 -8.85 29.32
CA LYS A 430 -34.91 -8.14 30.14
C LYS A 430 -36.25 -8.86 30.07
N PRO A 431 -37.09 -8.74 31.10
CA PRO A 431 -38.42 -9.37 31.05
C PRO A 431 -39.26 -8.88 29.88
N VAL A 432 -39.18 -7.59 29.55
CA VAL A 432 -39.85 -7.03 28.39
C VAL A 432 -38.75 -6.68 27.39
N ASP A 433 -38.47 -7.59 26.48
CA ASP A 433 -37.34 -7.44 25.58
C ASP A 433 -37.59 -6.32 24.57
N ASN A 434 -36.50 -5.76 24.07
CA ASN A 434 -36.52 -4.69 23.08
C ASN A 434 -35.77 -5.13 21.83
N GLY A 435 -35.60 -4.21 20.90
CA GLY A 435 -34.86 -4.50 19.69
C GLY A 435 -34.34 -3.23 19.06
N VAL A 436 -33.12 -3.33 18.52
CA VAL A 436 -32.50 -2.24 17.76
C VAL A 436 -32.19 -2.80 16.38
N ILE A 437 -33.06 -3.68 15.89
CA ILE A 437 -32.86 -4.44 14.66
C ILE A 437 -32.36 -3.54 13.54
N TRP A 438 -31.32 -3.98 12.87
CA TRP A 438 -30.69 -3.27 11.76
C TRP A 438 -30.94 -4.07 10.49
N PHE A 439 -32.05 -3.79 9.82
CA PHE A 439 -32.37 -4.49 8.59
C PHE A 439 -31.44 -4.05 7.47
N ARG A 440 -31.45 -4.81 6.38
CA ARG A 440 -30.74 -4.47 5.16
C ARG A 440 -31.50 -5.14 4.02
N PRO A 441 -31.89 -4.38 3.00
CA PRO A 441 -32.58 -5.01 1.86
C PRO A 441 -31.67 -5.98 1.14
N GLU A 442 -32.26 -7.05 0.60
CA GLU A 442 -31.50 -7.98 -0.20
C GLU A 442 -30.90 -7.25 -1.40
N VAL A 443 -29.65 -7.56 -1.71
CA VAL A 443 -28.91 -6.84 -2.74
C VAL A 443 -29.55 -7.00 -4.12
N LYS A 444 -30.57 -7.85 -4.25
CA LYS A 444 -31.35 -7.87 -5.48
C LYS A 444 -32.07 -6.54 -5.70
N GLN A 445 -32.62 -5.96 -4.64
CA GLN A 445 -33.27 -4.66 -4.76
C GLN A 445 -32.26 -3.57 -5.11
N SER A 446 -31.07 -3.62 -4.51
CA SER A 446 -30.07 -2.58 -4.75
C SER A 446 -29.61 -2.59 -6.20
N VAL A 447 -29.38 -3.77 -6.76
CA VAL A 447 -28.87 -3.86 -8.13
C VAL A 447 -30.01 -3.59 -9.10
N GLN A 448 -29.70 -2.83 -10.16
CA GLN A 448 -30.68 -2.52 -11.19
C GLN A 448 -29.95 -2.54 -12.53
N TRP A 449 -30.02 -3.67 -13.22
CA TRP A 449 -29.37 -3.84 -14.51
C TRP A 449 -30.35 -4.47 -15.49
N SER A 450 -30.18 -4.13 -16.77
CA SER A 450 -31.05 -4.64 -17.82
C SER A 450 -30.84 -6.14 -18.03
N LEU A 466 -29.68 -17.06 -22.72
CA LEU A 466 -30.39 -18.34 -22.71
C LEU A 466 -29.53 -19.44 -22.12
N ARG A 467 -28.29 -19.55 -22.62
CA ARG A 467 -27.36 -20.59 -22.18
C ARG A 467 -26.18 -19.99 -21.42
N LEU A 468 -25.42 -19.09 -22.05
CA LEU A 468 -24.27 -18.44 -21.40
C LEU A 468 -24.35 -16.95 -21.74
N GLN A 469 -25.07 -16.20 -20.91
CA GLN A 469 -25.28 -14.78 -21.06
C GLN A 469 -25.24 -14.13 -19.69
N PRO A 470 -24.90 -12.83 -19.61
CA PRO A 470 -24.99 -12.15 -18.33
C PRO A 470 -26.41 -12.07 -17.79
N ARG A 471 -27.40 -11.99 -18.68
CA ARG A 471 -28.79 -11.92 -18.24
C ARG A 471 -29.20 -13.16 -17.47
N THR A 472 -28.97 -14.35 -18.06
CA THR A 472 -29.24 -15.58 -17.33
C THR A 472 -28.29 -15.75 -16.15
N SER A 473 -27.05 -15.29 -16.29
CA SER A 473 -26.14 -15.26 -15.14
C SER A 473 -26.69 -14.34 -14.06
N PHE A 474 -27.21 -13.17 -14.45
CA PHE A 474 -27.90 -12.31 -13.50
C PHE A 474 -29.16 -12.99 -12.97
N GLU A 475 -29.90 -13.67 -13.85
CA GLU A 475 -31.11 -14.36 -13.43
C GLU A 475 -30.79 -15.54 -12.52
N ILE A 476 -29.78 -16.34 -12.87
CA ILE A 476 -29.36 -17.43 -11.99
C ILE A 476 -28.74 -16.88 -10.71
N TRP A 477 -28.22 -15.66 -10.75
CA TRP A 477 -27.74 -15.01 -9.53
C TRP A 477 -28.91 -14.58 -8.65
N LYS A 478 -30.01 -14.15 -9.26
CA LYS A 478 -31.16 -13.70 -8.49
C LYS A 478 -31.73 -14.81 -7.62
N VAL A 479 -31.84 -16.01 -8.18
CA VAL A 479 -32.26 -17.16 -7.38
C VAL A 479 -31.17 -17.55 -6.38
N GLU A 480 -29.91 -17.46 -6.81
CA GLU A 480 -28.79 -17.80 -5.92
C GLU A 480 -28.74 -16.86 -4.72
N MET A 481 -28.95 -15.57 -4.95
CA MET A 481 -28.86 -14.56 -3.90
C MET A 481 -30.25 -14.14 -3.40
N THR A 482 -31.22 -15.03 -3.45
CA THR A 482 -32.56 -14.73 -2.96
C THR A 482 -32.57 -14.81 -1.44
N GLY A 483 -32.95 -13.71 -0.79
CA GLY A 483 -32.98 -13.68 0.66
C GLY A 483 -31.65 -13.42 1.32
N ILE A 484 -30.60 -13.14 0.56
CA ILE A 484 -29.27 -12.86 1.09
C ILE A 484 -28.93 -11.42 0.78
N ALA A 485 -28.64 -10.64 1.83
CA ALA A 485 -28.21 -9.26 1.69
C ALA A 485 -26.68 -9.21 1.65
N THR A 486 -26.13 -8.01 1.81
CA THR A 486 -24.68 -7.87 1.91
C THR A 486 -24.19 -8.40 3.25
N LYS A 487 -22.94 -8.85 3.27
CA LYS A 487 -22.37 -9.45 4.48
C LYS A 487 -22.07 -8.37 5.52
N TRP A 488 -22.26 -8.74 6.78
CA TRP A 488 -21.90 -7.86 7.89
C TRP A 488 -20.42 -8.06 8.22
N SER A 489 -19.66 -6.96 8.20
CA SER A 489 -18.24 -7.04 8.53
C SER A 489 -18.06 -7.23 10.04
N HIS A 490 -16.82 -7.55 10.42
CA HIS A 490 -16.52 -7.72 11.84
C HIS A 490 -16.77 -6.45 12.63
N GLY A 491 -16.39 -5.30 12.07
CA GLY A 491 -16.68 -4.04 12.72
C GLY A 491 -18.17 -3.79 12.89
N ASP A 492 -18.97 -4.24 11.91
CA ASP A 492 -20.42 -4.10 12.04
C ASP A 492 -20.95 -4.92 13.20
N VAL A 493 -20.51 -6.17 13.32
CA VAL A 493 -20.90 -6.99 14.46
C VAL A 493 -20.31 -6.44 15.74
N PHE A 494 -19.08 -5.91 15.67
CA PHE A 494 -18.45 -5.30 16.83
C PHE A 494 -19.22 -4.08 17.31
N ALA A 495 -19.75 -3.30 16.36
CA ALA A 495 -20.47 -2.08 16.73
C ALA A 495 -21.72 -2.39 17.54
N ALA A 496 -22.42 -3.49 17.20
CA ALA A 496 -23.61 -3.87 17.95
C ALA A 496 -23.25 -4.21 19.39
N ASN A 497 -22.13 -4.89 19.61
CA ASN A 497 -21.68 -5.20 20.96
C ASN A 497 -21.37 -3.94 21.74
N ASP A 498 -20.74 -2.95 21.09
CA ASP A 498 -20.41 -1.71 21.77
C ASP A 498 -21.66 -0.99 22.25
N LEU A 499 -22.71 -0.95 21.42
CA LEU A 499 -23.98 -0.42 21.88
C LEU A 499 -24.56 -1.28 22.99
N ARG A 500 -24.44 -2.60 22.87
CA ARG A 500 -24.93 -3.47 23.93
C ARG A 500 -24.17 -3.25 25.22
N ARG A 501 -22.84 -3.06 25.13
CA ARG A 501 -22.08 -2.65 26.31
C ARG A 501 -22.55 -1.29 26.81
N SER A 502 -22.76 -0.35 25.89
CA SER A 502 -23.29 0.95 26.28
C SER A 502 -24.70 0.82 26.84
N ALA A 503 -25.55 0.01 26.20
CA ALA A 503 -26.90 -0.21 26.72
C ALA A 503 -26.85 -0.84 28.10
N LEU A 504 -25.95 -1.80 28.30
CA LEU A 504 -25.72 -2.33 29.65
C LEU A 504 -25.19 -1.25 30.58
N GLU A 505 -24.25 -0.43 30.09
CA GLU A 505 -23.68 0.63 30.92
C GLU A 505 -24.70 1.74 31.17
N ASN A 506 -25.45 2.15 30.14
CA ASN A 506 -26.48 3.15 30.35
C ASN A 506 -27.55 2.65 31.30
N ASP A 507 -27.97 1.39 31.15
CA ASP A 507 -28.93 0.82 32.09
C ASP A 507 -28.30 0.63 33.46
N LEU A 508 -26.99 0.36 33.51
CA LEU A 508 -26.30 0.26 34.80
C LEU A 508 -26.42 1.56 35.57
N ALA A 509 -26.22 2.70 34.91
CA ALA A 509 -26.49 3.99 35.54
C ALA A 509 -27.98 4.13 35.83
N ARG A 510 -28.83 3.65 34.92
CA ARG A 510 -30.27 3.67 35.17
C ARG A 510 -30.64 2.76 36.33
N GLN A 511 -29.91 1.66 36.51
CA GLN A 511 -30.20 0.74 37.60
C GLN A 511 -29.96 1.39 38.96
N VAL A 512 -29.04 2.34 39.04
CA VAL A 512 -28.76 3.02 40.30
C VAL A 512 -29.57 4.30 40.48
N SER A 513 -30.05 4.90 39.38
CA SER A 513 -30.77 6.16 39.45
C SER A 513 -32.20 6.01 39.95
N LYS A 514 -32.61 4.85 40.50
CA LYS A 514 -33.96 4.75 41.06
C LYS A 514 -34.15 5.68 42.25
N GLU A 515 -33.06 6.06 42.90
CA GLU A 515 -33.12 6.97 44.04
C GLU A 515 -33.56 8.36 43.61
N SER B 3 38.33 37.01 0.87
CA SER B 3 36.96 37.46 1.11
C SER B 3 36.61 37.41 2.59
N GLN B 4 37.36 38.18 3.39
CA GLN B 4 37.10 38.20 4.84
C GLN B 4 35.72 38.79 5.14
N LEU B 5 35.34 39.85 4.43
CA LEU B 5 34.03 40.47 4.66
C LEU B 5 32.89 39.53 4.29
N ASP B 6 33.11 38.62 3.34
CA ASP B 6 32.09 37.64 3.00
C ASP B 6 32.02 36.52 4.03
N LYS B 7 33.17 36.15 4.61
CA LYS B 7 33.22 35.01 5.51
C LYS B 7 32.48 35.29 6.81
N ASP B 8 32.76 36.43 7.44
CA ASP B 8 32.07 36.76 8.68
C ASP B 8 30.59 37.03 8.46
N ALA B 9 30.24 37.60 7.30
CA ALA B 9 28.84 37.77 6.96
C ALA B 9 28.14 36.42 6.79
N PHE B 10 28.89 35.39 6.38
CA PHE B 10 28.35 34.05 6.33
C PHE B 10 28.19 33.45 7.72
N GLU B 11 29.05 33.85 8.65
CA GLU B 11 28.98 33.33 10.02
C GLU B 11 27.68 33.76 10.71
N VAL B 12 27.26 35.01 10.52
CA VAL B 12 26.06 35.50 11.19
C VAL B 12 24.83 34.74 10.71
N LEU B 13 24.87 34.20 9.48
CA LEU B 13 23.78 33.34 9.02
C LEU B 13 23.71 32.07 9.85
N LEU B 14 24.86 31.47 10.18
CA LEU B 14 24.91 30.25 10.97
C LEU B 14 24.52 30.47 12.42
N ALA B 15 24.38 31.72 12.87
CA ALA B 15 24.00 31.97 14.25
C ALA B 15 22.64 31.38 14.57
N ASN B 16 21.67 31.55 13.68
CA ASN B 16 20.34 30.99 13.84
C ASN B 16 19.99 30.21 12.57
N CYS B 17 19.68 28.93 12.74
CA CYS B 17 19.24 28.08 11.62
C CYS B 17 18.01 27.25 11.93
N ALA B 18 17.71 26.98 13.20
CA ALA B 18 16.51 26.22 13.53
C ALA B 18 15.25 26.99 13.13
N ASP B 19 15.24 28.30 13.34
CA ASP B 19 14.14 29.17 12.95
C ASP B 19 14.69 30.24 12.02
N GLU B 20 14.76 29.91 10.73
CA GLU B 20 15.22 30.83 9.70
C GLU B 20 14.19 30.87 8.58
N PRO B 21 13.89 32.05 8.05
CA PRO B 21 12.91 32.12 6.95
C PRO B 21 13.47 31.55 5.65
N ILE B 22 13.03 30.35 5.31
CA ILE B 22 13.41 29.70 4.05
C ILE B 22 12.23 29.48 3.12
N GLN B 23 11.00 29.61 3.62
CA GLN B 23 9.84 29.57 2.74
C GLN B 23 9.73 30.81 1.88
N PHE B 24 10.35 31.91 2.31
CA PHE B 24 10.32 33.18 1.58
C PHE B 24 11.74 33.73 1.45
N PRO B 25 12.61 33.03 0.72
CA PRO B 25 13.99 33.54 0.57
C PRO B 25 14.07 34.82 -0.23
N GLY B 26 13.16 35.02 -1.17
CA GLY B 26 13.31 36.11 -2.11
C GLY B 26 14.33 35.86 -3.20
N ALA B 27 14.65 34.59 -3.46
CA ALA B 27 15.62 34.24 -4.49
C ALA B 27 15.26 32.86 -5.04
N ILE B 28 15.72 32.59 -6.26
CA ILE B 28 15.48 31.32 -6.92
C ILE B 28 16.77 30.83 -7.55
N GLN B 29 16.83 29.52 -7.80
CA GLN B 29 17.96 28.94 -8.51
C GLN B 29 17.99 29.43 -9.97
N PRO B 30 19.18 29.58 -10.54
CA PRO B 30 19.30 30.20 -11.87
C PRO B 30 18.93 29.29 -13.04
N HIS B 31 18.29 28.14 -12.81
CA HIS B 31 17.92 27.25 -13.89
C HIS B 31 16.45 27.38 -14.28
N GLY B 32 15.92 28.60 -14.22
CA GLY B 32 14.54 28.82 -14.63
C GLY B 32 14.10 30.23 -14.28
N LEU B 33 12.81 30.47 -14.48
CA LEU B 33 12.20 31.77 -14.22
C LEU B 33 10.98 31.60 -13.32
N LEU B 34 10.63 32.68 -12.63
CA LEU B 34 9.49 32.67 -11.72
C LEU B 34 8.61 33.88 -11.99
N PHE B 35 7.30 33.67 -11.96
CA PHE B 35 6.34 34.76 -12.12
C PHE B 35 5.26 34.61 -11.06
N THR B 36 4.83 35.74 -10.50
CA THR B 36 3.70 35.80 -9.58
C THR B 36 2.71 36.81 -10.13
N LEU B 37 1.48 36.36 -10.36
CA LEU B 37 0.49 37.08 -11.16
C LEU B 37 -0.85 37.10 -10.44
N LYS B 38 -1.77 37.88 -11.00
CA LYS B 38 -3.18 37.83 -10.62
C LYS B 38 -3.91 37.04 -11.70
N GLU B 39 -4.53 35.93 -11.31
CA GLU B 39 -5.00 34.94 -12.29
C GLU B 39 -6.01 35.49 -13.29
N PRO B 40 -7.06 36.23 -12.90
CA PRO B 40 -8.06 36.63 -13.90
C PRO B 40 -7.50 37.43 -15.07
N GLU B 41 -6.54 38.33 -14.81
CA GLU B 41 -5.98 39.17 -15.86
C GLU B 41 -4.54 38.82 -16.21
N LEU B 42 -3.88 37.95 -15.44
CA LEU B 42 -2.49 37.56 -15.68
C LEU B 42 -1.57 38.78 -15.70
N THR B 43 -1.72 39.64 -14.70
CA THR B 43 -0.88 40.81 -14.53
C THR B 43 0.23 40.51 -13.55
N ILE B 44 1.45 40.93 -13.91
CA ILE B 44 2.63 40.54 -13.14
C ILE B 44 2.66 41.28 -11.81
N LEU B 45 2.79 40.52 -10.73
CA LEU B 45 3.04 41.07 -9.41
C LEU B 45 4.50 40.94 -8.99
N GLN B 46 5.12 39.81 -9.27
CA GLN B 46 6.52 39.58 -8.94
C GLN B 46 7.22 38.87 -10.10
N VAL B 47 8.46 39.25 -10.35
CA VAL B 47 9.29 38.59 -11.36
C VAL B 47 10.74 38.65 -10.91
N SER B 48 11.47 37.56 -11.13
CA SER B 48 12.83 37.44 -10.63
C SER B 48 13.79 38.32 -11.44
N ALA B 49 15.02 38.45 -10.92
CA ALA B 49 16.07 39.19 -11.62
C ALA B 49 16.82 38.34 -12.62
N ASN B 50 16.62 37.02 -12.61
CA ASN B 50 17.22 36.17 -13.63
C ASN B 50 16.68 36.53 -15.00
N VAL B 51 15.41 36.94 -15.06
CA VAL B 51 14.72 37.25 -16.30
C VAL B 51 15.42 38.33 -17.12
N GLN B 52 16.30 39.13 -16.51
CA GLN B 52 17.08 40.09 -17.27
C GLN B 52 17.98 39.39 -18.27
N SER B 53 18.61 38.29 -17.86
CA SER B 53 19.52 37.56 -18.74
C SER B 53 18.82 36.81 -19.86
N VAL B 54 17.50 36.65 -19.79
CA VAL B 54 16.77 35.91 -20.80
C VAL B 54 15.66 36.73 -21.45
N LEU B 55 15.24 37.85 -20.85
CA LEU B 55 14.07 38.60 -21.30
C LEU B 55 14.32 40.07 -21.00
N GLY B 56 13.23 40.84 -20.91
CA GLY B 56 13.29 42.28 -20.76
C GLY B 56 14.17 42.82 -19.65
N LYS B 57 14.35 44.14 -19.64
CA LYS B 57 15.44 44.80 -18.93
C LYS B 57 15.44 44.56 -17.43
N VAL B 58 14.45 45.08 -16.72
CA VAL B 58 14.51 45.12 -15.25
C VAL B 58 13.20 44.56 -14.69
N PRO B 59 13.25 43.80 -13.59
CA PRO B 59 12.02 43.27 -13.01
C PRO B 59 11.02 44.32 -12.58
N ASP B 60 11.46 45.51 -12.16
CA ASP B 60 10.53 46.52 -11.66
C ASP B 60 9.58 46.99 -12.75
N GLN B 61 10.10 47.19 -13.97
CA GLN B 61 9.25 47.63 -15.08
C GLN B 61 8.21 46.58 -15.44
N LEU B 62 8.61 45.30 -15.45
CA LEU B 62 7.67 44.24 -15.74
C LEU B 62 6.63 44.07 -14.64
N ALA B 63 6.93 44.50 -13.42
CA ALA B 63 5.96 44.43 -12.34
C ALA B 63 4.81 45.39 -12.62
N GLY B 64 3.59 44.90 -12.41
CA GLY B 64 2.40 45.66 -12.69
C GLY B 64 1.88 45.55 -14.10
N GLN B 65 2.61 44.88 -14.99
CA GLN B 65 2.18 44.70 -16.37
C GLN B 65 1.60 43.30 -16.56
N THR B 66 1.10 43.07 -17.76
CA THR B 66 0.42 41.82 -18.08
C THR B 66 1.39 40.84 -18.74
N LEU B 67 1.05 39.55 -18.65
CA LEU B 67 1.84 38.49 -19.29
C LEU B 67 1.93 38.64 -20.80
N ASP B 68 1.02 39.38 -21.42
CA ASP B 68 1.01 39.50 -22.88
C ASP B 68 2.29 40.12 -23.42
N CYS B 69 3.06 40.82 -22.59
CA CYS B 69 4.27 41.48 -23.03
C CYS B 69 5.51 40.59 -22.82
N VAL B 70 5.72 40.11 -21.60
CA VAL B 70 6.94 39.37 -21.28
C VAL B 70 6.99 38.06 -22.06
N LEU B 71 5.89 37.30 -22.06
CA LEU B 71 5.85 36.02 -22.74
C LEU B 71 5.21 36.10 -24.12
N GLY B 72 4.88 37.30 -24.59
CA GLY B 72 4.30 37.47 -25.91
C GLY B 72 2.83 37.07 -25.94
N ALA B 73 2.28 37.12 -27.16
CA ALA B 73 0.89 36.77 -27.38
C ALA B 73 0.76 35.29 -27.75
N GLY B 74 -0.47 34.80 -27.72
CA GLY B 74 -0.74 33.41 -28.04
C GLY B 74 -0.46 32.48 -26.88
N TRP B 75 0.80 32.47 -26.41
CA TRP B 75 1.14 31.63 -25.27
C TRP B 75 0.42 32.09 -24.01
N ALA B 76 0.19 33.40 -23.88
CA ALA B 76 -0.58 33.90 -22.74
C ALA B 76 -2.00 33.36 -22.75
N GLU B 77 -2.66 33.38 -23.92
CA GLU B 77 -4.01 32.84 -24.02
C GLU B 77 -4.01 31.33 -23.80
N VAL B 78 -2.97 30.65 -24.25
CA VAL B 78 -2.87 29.20 -24.02
C VAL B 78 -2.75 28.92 -22.52
N ILE B 79 -1.93 29.70 -21.82
CA ILE B 79 -1.80 29.53 -20.37
C ILE B 79 -3.13 29.81 -19.68
N ARG B 80 -3.84 30.86 -20.12
CA ARG B 80 -5.14 31.18 -19.53
C ARG B 80 -6.13 30.04 -19.76
N SER B 81 -6.13 29.47 -20.96
CA SER B 81 -7.04 28.36 -21.25
C SER B 81 -6.70 27.14 -20.41
N THR B 82 -5.41 26.84 -20.25
CA THR B 82 -5.01 25.68 -19.44
C THR B 82 -5.39 25.88 -17.98
N SER B 83 -5.12 27.06 -17.43
CA SER B 83 -5.52 27.34 -16.05
C SER B 83 -7.04 27.42 -15.95
N ALA B 84 -7.68 28.22 -16.80
CA ALA B 84 -9.12 28.40 -16.82
C ALA B 84 -9.69 28.59 -15.43
N ASN B 85 -10.65 27.74 -15.05
CA ASN B 85 -11.17 27.68 -13.69
C ASN B 85 -10.79 26.37 -13.01
N ASP B 86 -9.75 25.71 -13.51
CA ASP B 86 -9.34 24.41 -12.99
C ASP B 86 -8.70 24.56 -11.61
N SER B 87 -8.64 23.44 -10.89
CA SER B 87 -7.98 23.37 -9.59
C SER B 87 -6.47 23.27 -9.70
N LEU B 88 -5.93 23.18 -10.92
CA LEU B 88 -4.49 23.08 -11.16
C LEU B 88 -3.90 21.86 -10.47
N VAL B 89 -4.64 20.75 -10.53
CA VAL B 89 -4.18 19.46 -10.01
C VAL B 89 -4.13 18.49 -11.17
N ASP B 90 -3.00 17.77 -11.28
CA ASP B 90 -2.76 16.84 -12.39
C ASP B 90 -2.86 17.57 -13.74
N VAL B 91 -2.24 18.73 -13.81
CA VAL B 91 -2.22 19.51 -15.05
C VAL B 91 -1.41 18.76 -16.10
N PRO B 92 -1.81 18.77 -17.38
CA PRO B 92 -0.99 18.14 -18.41
C PRO B 92 0.37 18.80 -18.58
N ARG B 93 1.21 18.25 -19.46
CA ARG B 93 2.54 18.78 -19.67
C ARG B 93 2.49 20.00 -20.58
N LEU B 94 3.13 21.08 -20.16
CA LEU B 94 3.26 22.30 -20.96
C LEU B 94 4.72 22.53 -21.30
N LEU B 95 4.94 23.18 -22.44
CA LEU B 95 6.28 23.51 -22.90
C LEU B 95 6.23 24.80 -23.71
N MET B 96 6.98 25.80 -23.26
CA MET B 96 6.97 27.12 -23.89
C MET B 96 8.35 27.43 -24.46
N SER B 97 8.38 28.44 -25.33
CA SER B 97 9.62 28.88 -25.96
C SER B 97 9.47 30.37 -26.27
N VAL B 98 10.08 31.21 -25.43
CA VAL B 98 9.97 32.65 -25.60
C VAL B 98 11.08 33.20 -26.49
N GLU B 99 12.28 32.64 -26.41
CA GLU B 99 13.39 33.06 -27.26
C GLU B 99 14.18 31.85 -27.72
N GLY B 100 13.48 30.78 -28.11
CA GLY B 100 14.12 29.55 -28.51
C GLY B 100 14.53 28.65 -27.37
N VAL B 101 14.32 29.05 -26.12
CA VAL B 101 14.64 28.25 -24.95
C VAL B 101 13.38 27.55 -24.48
N GLU B 102 13.48 26.25 -24.22
CA GLU B 102 12.34 25.45 -23.83
C GLU B 102 12.23 25.45 -22.30
N PHE B 103 11.14 26.01 -21.78
CA PHE B 103 10.86 26.00 -20.35
C PHE B 103 9.64 25.13 -20.08
N GLU B 104 9.75 24.22 -19.12
CA GLU B 104 8.60 23.52 -18.61
C GLU B 104 7.84 24.44 -17.66
N ALA B 105 6.54 24.59 -17.88
CA ALA B 105 5.71 25.54 -17.15
C ALA B 105 4.88 24.79 -16.12
N LEU B 106 5.17 25.04 -14.84
CA LEU B 106 4.42 24.47 -13.73
C LEU B 106 3.68 25.58 -13.01
N LEU B 107 2.36 25.42 -12.86
CA LEU B 107 1.50 26.46 -12.31
C LEU B 107 0.92 26.01 -10.98
N HIS B 108 0.84 26.93 -10.03
CA HIS B 108 0.12 26.71 -8.79
C HIS B 108 -0.40 28.05 -8.29
N ARG B 109 -1.11 28.02 -7.17
CA ARG B 109 -1.74 29.22 -6.63
C ARG B 109 -1.35 29.42 -5.18
N SER B 110 -0.85 30.61 -4.86
CA SER B 110 -0.51 30.98 -3.50
C SER B 110 -0.98 32.40 -3.25
N GLN B 111 -1.63 32.63 -2.10
CA GLN B 111 -2.17 33.93 -1.73
C GLN B 111 -3.09 34.48 -2.82
N GLU B 112 -3.92 33.60 -3.38
CA GLU B 112 -4.84 33.95 -4.46
C GLU B 112 -4.09 34.57 -5.64
N ALA B 113 -2.89 34.07 -5.90
CA ALA B 113 -2.05 34.57 -6.98
C ALA B 113 -1.48 33.39 -7.76
N LEU B 114 -1.36 33.57 -9.07
CA LEU B 114 -0.85 32.51 -9.94
C LEU B 114 0.67 32.55 -9.91
N VAL B 115 1.28 31.53 -9.32
CA VAL B 115 2.73 31.38 -9.31
C VAL B 115 3.09 30.38 -10.41
N LEU B 116 3.87 30.85 -11.37
CA LEU B 116 4.24 30.08 -12.56
C LEU B 116 5.75 29.95 -12.60
N GLU B 117 6.23 28.71 -12.66
CA GLU B 117 7.66 28.41 -12.70
C GLU B 117 8.00 27.86 -14.08
N LEU B 118 8.94 28.53 -14.75
CA LEU B 118 9.40 28.14 -16.08
C LEU B 118 10.79 27.53 -15.91
N GLU B 119 10.82 26.23 -15.65
CA GLU B 119 12.09 25.55 -15.44
C GLU B 119 12.81 25.37 -16.77
N ILE B 120 14.08 25.78 -16.82
CA ILE B 120 14.86 25.69 -18.04
C ILE B 120 15.24 24.24 -18.29
N GLN B 121 14.92 23.74 -19.49
CA GLN B 121 15.23 22.38 -19.88
C GLN B 121 16.20 22.42 -21.05
N ASP B 122 17.33 21.74 -20.91
CA ASP B 122 18.33 21.72 -21.97
C ASP B 122 17.86 20.88 -23.15
N LYS B 123 18.36 21.22 -24.33
CA LYS B 123 18.00 20.51 -25.55
C LYS B 123 18.68 19.15 -25.61
N ASN B 136 10.59 -1.93 -18.73
CA ASN B 136 11.61 -1.38 -17.84
C ASN B 136 11.00 -0.97 -16.50
N MET B 137 10.12 0.02 -16.53
CA MET B 137 9.47 0.48 -15.30
C MET B 137 8.60 -0.62 -14.70
N GLY B 138 7.84 -1.33 -15.54
CA GLY B 138 7.04 -2.44 -15.03
C GLY B 138 7.89 -3.56 -14.46
N ARG B 139 9.01 -3.86 -15.13
CA ARG B 139 9.91 -4.90 -14.62
C ARG B 139 10.50 -4.50 -13.29
N MET B 140 10.87 -3.22 -13.14
CA MET B 140 11.42 -2.76 -11.87
C MET B 140 10.36 -2.74 -10.76
N LEU B 141 9.12 -2.43 -11.11
CA LEU B 141 8.04 -2.52 -10.12
C LEU B 141 7.81 -3.96 -9.70
N ARG B 142 7.90 -4.90 -10.65
CA ARG B 142 7.81 -6.32 -10.30
C ARG B 142 8.95 -6.74 -9.40
N GLN B 143 10.16 -6.25 -9.68
CA GLN B 143 11.30 -6.53 -8.82
C GLN B 143 11.08 -6.00 -7.42
N LEU B 144 10.53 -4.79 -7.29
CA LEU B 144 10.20 -4.26 -5.99
C LEU B 144 9.17 -5.13 -5.27
N HIS B 145 8.16 -5.60 -6.02
CA HIS B 145 7.14 -6.45 -5.44
C HIS B 145 7.70 -7.80 -4.97
N ALA B 146 8.71 -8.32 -5.68
CA ALA B 146 9.28 -9.61 -5.35
C ALA B 146 10.06 -9.61 -4.04
N ALA B 147 10.36 -8.44 -3.48
CA ALA B 147 11.10 -8.38 -2.23
C ALA B 147 10.31 -9.03 -1.10
N ALA B 148 11.01 -9.85 -0.31
CA ALA B 148 10.39 -10.56 0.79
C ALA B 148 10.52 -9.86 2.14
N ASP B 149 11.52 -8.98 2.30
CA ASP B 149 11.72 -8.24 3.53
C ASP B 149 12.08 -6.80 3.20
N LEU B 150 12.09 -5.97 4.24
CA LEU B 150 12.32 -4.54 4.05
C LEU B 150 13.75 -4.25 3.58
N GLN B 151 14.73 -4.97 4.13
CA GLN B 151 16.12 -4.73 3.76
C GLN B 151 16.37 -5.02 2.29
N THR B 152 15.84 -6.14 1.80
CA THR B 152 15.97 -6.45 0.38
C THR B 152 15.26 -5.42 -0.48
N LEU B 153 14.11 -4.92 0.00
CA LEU B 153 13.40 -3.85 -0.69
C LEU B 153 14.28 -2.62 -0.84
N TYR B 154 14.90 -2.20 0.25
CA TYR B 154 15.81 -1.06 0.20
C TYR B 154 16.94 -1.31 -0.79
N GLU B 155 17.52 -2.52 -0.73
CA GLU B 155 18.64 -2.84 -1.60
C GLU B 155 18.25 -2.71 -3.07
N VAL B 156 17.14 -3.33 -3.47
CA VAL B 156 16.77 -3.32 -4.88
C VAL B 156 16.38 -1.90 -5.30
N SER B 157 15.68 -1.16 -4.42
CA SER B 157 15.24 0.18 -4.79
C SER B 157 16.44 1.09 -5.05
N VAL B 158 17.40 1.12 -4.11
CA VAL B 158 18.57 1.96 -4.34
C VAL B 158 19.38 1.46 -5.53
N ARG B 159 19.43 0.14 -5.75
CA ARG B 159 20.18 -0.38 -6.88
C ARG B 159 19.62 0.12 -8.20
N GLU B 160 18.30 -0.02 -8.39
CA GLU B 160 17.71 0.40 -9.66
C GLU B 160 17.69 1.92 -9.81
N ILE B 161 17.52 2.65 -8.69
CA ILE B 161 17.57 4.11 -8.78
C ILE B 161 18.94 4.58 -9.21
N GLN B 162 20.00 4.03 -8.63
CA GLN B 162 21.35 4.36 -9.08
C GLN B 162 21.58 3.87 -10.51
N ARG B 163 20.93 2.77 -10.91
CA ARG B 163 21.13 2.23 -12.24
C ARG B 163 20.59 3.17 -13.31
N MET B 164 19.35 3.62 -13.16
CA MET B 164 18.74 4.38 -14.26
C MET B 164 18.84 5.90 -14.08
N THR B 165 18.93 6.39 -12.85
CA THR B 165 19.10 7.82 -12.65
C THR B 165 20.43 8.33 -13.17
N GLY B 166 21.43 7.46 -13.28
CA GLY B 166 22.73 7.86 -13.76
C GLY B 166 23.55 8.68 -12.79
N TYR B 167 23.13 8.75 -11.53
CA TYR B 167 23.83 9.54 -10.52
C TYR B 167 24.88 8.69 -9.83
N ASP B 168 26.03 9.32 -9.55
CA ASP B 168 27.15 8.59 -8.97
C ASP B 168 26.82 8.01 -7.61
N ARG B 169 26.12 8.76 -6.76
CA ARG B 169 25.82 8.30 -5.40
C ARG B 169 24.33 8.39 -5.16
N VAL B 170 23.75 7.32 -4.64
CA VAL B 170 22.33 7.26 -4.32
C VAL B 170 22.16 6.68 -2.92
N LEU B 171 21.42 7.37 -2.06
CA LEU B 171 21.26 7.02 -0.66
C LEU B 171 19.78 7.03 -0.31
N ILE B 172 19.47 6.46 0.84
CA ILE B 172 18.13 6.55 1.43
C ILE B 172 18.28 6.73 2.93
N TYR B 173 17.68 7.80 3.47
CA TYR B 173 17.57 7.95 4.90
C TYR B 173 16.15 7.64 5.36
N ARG B 174 16.05 7.04 6.54
CA ARG B 174 14.80 6.88 7.26
C ARG B 174 14.83 7.83 8.45
N PHE B 175 13.72 8.54 8.66
CA PHE B 175 13.65 9.53 9.72
C PHE B 175 13.01 8.88 10.95
N GLU B 176 13.80 8.73 12.01
CA GLU B 176 13.25 8.22 13.26
C GLU B 176 12.33 9.27 13.88
N GLU B 177 11.53 8.81 14.85
CA GLU B 177 10.63 9.72 15.56
C GLU B 177 11.40 10.83 16.25
N GLU B 178 12.63 10.54 16.70
CA GLU B 178 13.48 11.58 17.27
C GLU B 178 13.95 12.59 16.23
N GLY B 179 13.96 12.21 14.95
CA GLY B 179 14.27 13.13 13.87
C GLY B 179 15.64 12.96 13.26
N HIS B 180 16.57 12.27 13.93
CA HIS B 180 17.90 12.06 13.36
C HIS B 180 17.83 11.01 12.27
N GLY B 181 18.08 11.44 11.03
CA GLY B 181 18.00 10.51 9.91
C GLY B 181 19.08 9.45 9.96
N GLN B 182 18.73 8.26 9.48
CA GLN B 182 19.65 7.14 9.39
C GLN B 182 19.79 6.73 7.94
N VAL B 183 21.04 6.61 7.47
CA VAL B 183 21.30 6.13 6.11
C VAL B 183 21.11 4.62 6.14
N ILE B 184 19.93 4.16 5.68
CA ILE B 184 19.58 2.76 5.80
C ILE B 184 20.08 1.91 4.65
N ALA B 185 20.42 2.52 3.51
CA ALA B 185 20.98 1.79 2.38
C ALA B 185 21.63 2.79 1.44
N GLU B 186 22.47 2.27 0.55
CA GLU B 186 23.16 3.13 -0.41
C GLU B 186 23.57 2.30 -1.61
N ALA B 187 23.91 2.98 -2.70
CA ALA B 187 24.44 2.40 -3.93
C ALA B 187 25.64 3.19 -4.40
N SER B 188 26.54 3.50 -3.47
CA SER B 188 27.68 4.37 -3.76
C SER B 188 28.60 3.74 -4.80
N ALA B 189 28.96 4.53 -5.80
CA ALA B 189 29.97 4.14 -6.78
C ALA B 189 31.36 4.41 -6.20
N PRO B 190 32.41 3.85 -6.81
CA PRO B 190 33.76 4.08 -6.29
C PRO B 190 34.12 5.56 -6.25
N ALA B 191 35.02 5.89 -5.32
CA ALA B 191 35.58 7.22 -5.02
C ALA B 191 34.69 8.09 -4.13
N MET B 192 33.62 7.54 -3.56
CA MET B 192 32.90 8.18 -2.48
C MET B 192 32.91 7.30 -1.24
N GLU B 193 32.92 7.94 -0.07
CA GLU B 193 32.93 7.22 1.19
C GLU B 193 31.61 6.49 1.42
N LEU B 194 31.70 5.35 2.09
CA LEU B 194 30.50 4.60 2.45
C LEU B 194 29.72 5.33 3.54
N PHE B 195 28.41 5.12 3.56
CA PHE B 195 27.53 5.84 4.48
C PHE B 195 26.56 4.94 5.23
N ASN B 196 26.68 3.62 5.08
CA ASN B 196 25.80 2.72 5.81
C ASN B 196 25.99 2.89 7.31
N GLY B 197 24.88 3.03 8.02
CA GLY B 197 24.91 3.24 9.45
C GLY B 197 25.22 4.64 9.90
N LEU B 198 25.39 5.58 8.98
CA LEU B 198 25.66 6.97 9.35
C LEU B 198 24.39 7.63 9.88
N PHE B 199 24.54 8.39 10.97
CA PHE B 199 23.45 9.11 11.58
C PHE B 199 23.79 10.60 11.61
N PHE B 200 22.83 11.44 11.24
CA PHE B 200 22.99 12.88 11.32
C PHE B 200 21.84 13.47 12.12
N PRO B 201 22.10 14.51 12.92
CA PRO B 201 21.07 15.03 13.82
C PRO B 201 19.92 15.70 13.08
N ALA B 202 18.78 15.79 13.77
CA ALA B 202 17.62 16.44 13.21
C ALA B 202 17.87 17.92 12.96
N SER B 203 18.80 18.52 13.70
CA SER B 203 19.16 19.92 13.47
C SER B 203 19.73 20.13 12.08
N ASP B 204 20.19 19.07 11.42
CA ASP B 204 20.70 19.18 10.06
C ASP B 204 19.60 19.55 9.07
N ILE B 205 18.34 19.42 9.45
CA ILE B 205 17.21 19.79 8.60
C ILE B 205 16.23 20.61 9.43
N PRO B 206 16.06 21.89 9.13
CA PRO B 206 15.10 22.70 9.89
C PRO B 206 13.67 22.24 9.61
N GLU B 207 12.78 22.54 10.56
CA GLU B 207 11.39 22.10 10.43
C GLU B 207 10.70 22.76 9.25
N GLN B 208 11.15 23.95 8.85
CA GLN B 208 10.62 24.56 7.63
C GLN B 208 11.00 23.73 6.40
N ALA B 209 12.24 23.26 6.35
CA ALA B 209 12.64 22.38 5.27
C ALA B 209 11.88 21.06 5.31
N ARG B 210 11.58 20.56 6.52
CA ARG B 210 10.77 19.35 6.63
C ARG B 210 9.37 19.57 6.10
N GLU B 211 8.77 20.73 6.39
CA GLU B 211 7.47 21.07 5.83
C GLU B 211 7.53 21.14 4.32
N LEU B 212 8.60 21.74 3.79
CA LEU B 212 8.75 21.84 2.34
C LEU B 212 8.88 20.45 1.71
N TYR B 213 9.63 19.56 2.35
CA TYR B 213 9.78 18.20 1.83
C TYR B 213 8.45 17.45 1.87
N ARG B 214 7.73 17.56 2.98
CA ARG B 214 6.50 16.79 3.14
C ARG B 214 5.39 17.31 2.23
N ARG B 215 5.31 18.62 2.04
CA ARG B 215 4.28 19.20 1.18
C ARG B 215 4.57 18.97 -0.30
N ASN B 216 5.79 18.57 -0.64
CA ASN B 216 6.18 18.27 -2.01
C ASN B 216 6.52 16.79 -2.14
N TRP B 217 6.97 16.39 -3.32
CA TRP B 217 7.38 15.02 -3.58
C TRP B 217 8.76 14.91 -4.21
N LEU B 218 9.40 16.02 -4.55
CA LEU B 218 10.69 15.97 -5.23
C LEU B 218 11.39 17.32 -5.05
N ARG B 219 12.55 17.29 -4.39
CA ARG B 219 13.38 18.48 -4.22
C ARG B 219 14.69 18.26 -4.97
N ILE B 220 15.00 19.15 -5.90
CA ILE B 220 16.17 19.01 -6.77
C ILE B 220 17.05 20.24 -6.62
N ILE B 221 18.33 20.01 -6.39
CA ILE B 221 19.34 21.07 -6.34
C ILE B 221 20.44 20.69 -7.32
N PRO B 222 20.31 21.05 -8.61
CA PRO B 222 21.32 20.62 -9.59
C PRO B 222 22.71 21.19 -9.35
N ASP B 223 22.85 22.26 -8.57
CA ASP B 223 24.14 22.86 -8.32
C ASP B 223 24.20 23.38 -6.90
N ALA B 224 25.28 23.07 -6.19
CA ALA B 224 25.54 23.59 -4.85
C ALA B 224 26.66 24.62 -4.84
N ASN B 225 26.96 25.21 -6.01
CA ASN B 225 27.91 26.32 -6.12
C ASN B 225 27.27 27.33 -7.07
N TYR B 226 26.47 28.24 -6.53
CA TYR B 226 25.75 29.19 -7.35
C TYR B 226 25.48 30.46 -6.55
N THR B 227 25.17 31.54 -7.26
CA THR B 227 24.77 32.79 -6.64
C THR B 227 23.27 32.96 -6.80
N PRO B 228 22.48 32.95 -5.73
CA PRO B 228 21.04 33.15 -5.88
C PRO B 228 20.73 34.48 -6.55
N VAL B 229 19.73 34.47 -7.41
CA VAL B 229 19.34 35.67 -8.16
C VAL B 229 18.26 36.41 -7.37
N PRO B 230 18.25 37.74 -7.38
CA PRO B 230 17.23 38.47 -6.63
C PRO B 230 15.84 38.25 -7.21
N LEU B 231 14.84 38.41 -6.34
CA LEU B 231 13.43 38.34 -6.72
C LEU B 231 12.77 39.63 -6.20
N VAL B 232 12.78 40.66 -7.03
CA VAL B 232 12.25 41.98 -6.68
C VAL B 232 10.97 42.20 -7.49
N PRO B 233 9.91 42.75 -6.90
CA PRO B 233 9.80 43.21 -5.50
C PRO B 233 9.72 42.05 -4.51
N GLN B 234 10.36 42.19 -3.35
CA GLN B 234 10.33 41.13 -2.35
C GLN B 234 8.97 41.00 -1.69
N LEU B 235 8.17 42.05 -1.71
CA LEU B 235 6.81 42.04 -1.18
C LEU B 235 5.85 42.39 -2.30
N ARG B 236 4.75 41.64 -2.41
CA ARG B 236 3.79 41.86 -3.48
C ARG B 236 3.13 43.23 -3.30
N PRO B 237 2.91 43.97 -4.38
CA PRO B 237 2.30 45.30 -4.25
C PRO B 237 0.92 45.27 -3.61
N ASP B 238 0.12 44.24 -3.88
CA ASP B 238 -1.22 44.13 -3.31
C ASP B 238 -1.25 43.29 -2.04
N THR B 239 -0.11 42.83 -1.54
CA THR B 239 -0.05 42.06 -0.32
C THR B 239 0.88 42.66 0.74
N GLN B 240 1.95 43.33 0.32
CA GLN B 240 2.93 43.90 1.24
C GLN B 240 3.48 42.83 2.19
N GLN B 241 3.73 41.64 1.64
CA GLN B 241 4.22 40.52 2.42
C GLN B 241 5.07 39.63 1.52
N GLN B 242 5.83 38.75 2.16
CA GLN B 242 6.77 37.90 1.44
C GLN B 242 6.03 36.89 0.57
N LEU B 243 6.71 36.46 -0.50
CA LEU B 243 6.11 35.54 -1.46
C LEU B 243 6.32 34.09 -1.03
N ASP B 244 5.22 33.35 -0.96
CA ASP B 244 5.27 31.93 -0.59
C ASP B 244 5.89 31.13 -1.73
N LEU B 245 7.11 30.67 -1.53
CA LEU B 245 7.81 29.84 -2.51
C LEU B 245 7.88 28.38 -2.09
N SER B 246 7.01 27.96 -1.18
CA SER B 246 7.06 26.59 -0.67
C SER B 246 6.79 25.57 -1.77
N PHE B 247 5.82 25.84 -2.65
CA PHE B 247 5.38 24.89 -3.65
C PHE B 247 6.09 25.06 -4.98
N SER B 248 7.28 25.65 -5.00
CA SER B 248 8.02 25.90 -6.22
C SER B 248 9.31 25.07 -6.23
N THR B 249 9.54 24.34 -7.32
CA THR B 249 10.80 23.65 -7.49
C THR B 249 11.95 24.65 -7.60
N LEU B 250 11.75 25.74 -8.33
CA LEU B 250 12.73 26.82 -8.44
C LEU B 250 12.72 27.60 -7.13
N ARG B 251 13.72 27.36 -6.30
CA ARG B 251 13.87 28.00 -5.00
C ARG B 251 15.32 28.45 -4.81
N SER B 252 15.61 28.95 -3.61
CA SER B 252 16.95 29.31 -3.21
C SER B 252 17.41 28.37 -2.10
N VAL B 253 18.60 27.80 -2.26
CA VAL B 253 19.16 26.88 -1.28
C VAL B 253 19.90 27.71 -0.22
N SER B 254 19.66 27.38 1.04
CA SER B 254 20.32 28.11 2.12
C SER B 254 21.83 27.92 2.03
N PRO B 255 22.62 28.96 2.25
CA PRO B 255 24.09 28.81 2.14
C PRO B 255 24.67 27.81 3.12
N ILE B 256 24.02 27.58 4.26
CA ILE B 256 24.56 26.64 5.24
C ILE B 256 24.56 25.23 4.68
N HIS B 257 23.43 24.78 4.13
CA HIS B 257 23.40 23.45 3.52
C HIS B 257 24.12 23.44 2.17
N CYS B 258 24.26 24.59 1.53
CA CYS B 258 25.07 24.67 0.31
C CYS B 258 26.53 24.34 0.62
N GLN B 259 27.07 24.94 1.68
CA GLN B 259 28.44 24.61 2.08
C GLN B 259 28.52 23.23 2.70
N TYR B 260 27.42 22.74 3.29
CA TYR B 260 27.37 21.34 3.72
C TYR B 260 27.58 20.41 2.53
N MET B 261 26.86 20.67 1.43
CA MET B 261 27.05 19.89 0.22
C MET B 261 28.47 20.03 -0.32
N LYS B 262 29.01 21.26 -0.27
CA LYS B 262 30.37 21.47 -0.75
C LYS B 262 31.38 20.65 0.03
N ASN B 263 31.23 20.59 1.36
CA ASN B 263 32.11 19.77 2.18
C ASN B 263 31.69 18.32 2.27
N MET B 264 30.54 17.97 1.70
CA MET B 264 30.09 16.58 1.62
C MET B 264 30.52 15.90 0.33
N GLY B 265 31.06 16.66 -0.62
CA GLY B 265 31.41 16.13 -1.92
C GLY B 265 30.28 16.13 -2.92
N VAL B 266 29.08 16.53 -2.52
CA VAL B 266 27.92 16.54 -3.40
C VAL B 266 27.74 17.92 -3.98
N LEU B 267 27.68 18.01 -5.31
CA LEU B 267 27.39 19.26 -6.01
C LEU B 267 25.97 19.29 -6.58
N SER B 268 25.47 18.16 -7.05
CA SER B 268 24.10 18.02 -7.51
C SER B 268 23.39 17.00 -6.64
N SER B 269 22.20 17.35 -6.15
CA SER B 269 21.48 16.51 -5.22
C SER B 269 20.01 16.40 -5.60
N MET B 270 19.40 15.28 -5.23
CA MET B 270 17.97 15.05 -5.38
C MET B 270 17.44 14.47 -4.08
N SER B 271 16.13 14.63 -3.87
CA SER B 271 15.49 14.07 -2.69
C SER B 271 14.05 13.75 -3.04
N VAL B 272 13.70 12.47 -2.98
CA VAL B 272 12.33 12.01 -3.20
C VAL B 272 11.73 11.78 -1.82
N SER B 273 10.78 12.64 -1.45
CA SER B 273 10.19 12.62 -0.11
C SER B 273 9.23 11.45 -0.01
N LEU B 274 9.65 10.39 0.67
CA LEU B 274 8.77 9.27 0.92
C LEU B 274 7.76 9.64 2.00
N ILE B 275 6.49 9.64 1.65
CA ILE B 275 5.42 10.11 2.53
C ILE B 275 4.49 8.95 2.83
N GLN B 276 4.24 8.73 4.12
CA GLN B 276 3.32 7.71 4.61
C GLN B 276 2.30 8.39 5.50
N GLY B 277 1.05 8.44 5.04
CA GLY B 277 -0.03 9.00 5.84
C GLY B 277 0.20 10.42 6.27
N GLY B 278 0.77 11.25 5.40
CA GLY B 278 1.08 12.62 5.74
C GLY B 278 2.31 12.81 6.58
N LYS B 279 3.14 11.78 6.76
CA LYS B 279 4.36 11.87 7.52
C LYS B 279 5.56 11.58 6.63
N LEU B 280 6.67 12.25 6.91
CA LEU B 280 7.89 12.07 6.13
C LEU B 280 8.63 10.84 6.65
N TRP B 281 8.37 9.69 6.04
CA TRP B 281 9.02 8.45 6.47
C TRP B 281 10.52 8.53 6.24
N GLY B 282 10.94 9.08 5.10
CA GLY B 282 12.35 9.19 4.82
C GLY B 282 12.67 10.08 3.64
N LEU B 283 13.77 9.78 2.97
CA LEU B 283 14.27 10.61 1.88
C LEU B 283 15.16 9.77 0.98
N ILE B 284 14.77 9.63 -0.28
CA ILE B 284 15.62 9.00 -1.29
C ILE B 284 16.51 10.10 -1.84
N SER B 285 17.76 10.13 -1.38
CA SER B 285 18.68 11.21 -1.71
C SER B 285 19.66 10.77 -2.77
N CYS B 286 20.37 11.73 -3.33
CA CYS B 286 21.36 11.46 -4.36
C CYS B 286 22.56 12.38 -4.16
N GLY B 287 23.53 12.23 -5.03
CA GLY B 287 24.75 13.01 -4.94
C GLY B 287 25.61 12.80 -6.17
N HIS B 288 26.13 13.92 -6.69
CA HIS B 288 26.83 13.91 -7.95
C HIS B 288 27.79 15.10 -8.04
N ARG B 289 29.08 14.84 -8.24
CA ARG B 289 30.05 15.93 -8.35
C ARG B 289 29.82 16.73 -9.62
N THR B 290 29.63 16.06 -10.74
CA THR B 290 29.35 16.75 -11.99
C THR B 290 27.89 17.21 -12.02
N PRO B 291 27.64 18.49 -12.26
CA PRO B 291 26.25 18.96 -12.30
C PRO B 291 25.45 18.28 -13.40
N LEU B 292 24.19 17.97 -13.10
CA LEU B 292 23.31 17.30 -14.03
C LEU B 292 21.92 17.92 -13.96
N TYR B 293 21.33 18.17 -15.13
CA TYR B 293 19.97 18.67 -15.23
C TYR B 293 19.05 17.50 -15.54
N VAL B 294 18.02 17.31 -14.72
CA VAL B 294 17.17 16.12 -14.81
C VAL B 294 16.00 16.42 -15.73
N SER B 295 15.76 15.54 -16.70
CA SER B 295 14.61 15.67 -17.57
C SER B 295 13.33 15.32 -16.80
N HIS B 296 12.22 15.89 -17.27
CA HIS B 296 10.95 15.69 -16.57
C HIS B 296 10.50 14.23 -16.61
N GLU B 297 10.80 13.51 -17.69
CA GLU B 297 10.40 12.11 -17.78
C GLU B 297 11.03 11.28 -16.66
N LEU B 298 12.33 11.48 -16.42
CA LEU B 298 12.97 10.80 -15.31
C LEU B 298 12.60 11.43 -13.97
N ARG B 299 12.28 12.73 -13.98
CA ARG B 299 11.82 13.38 -12.76
C ARG B 299 10.53 12.74 -12.25
N SER B 300 9.60 12.46 -13.17
CA SER B 300 8.34 11.82 -12.77
C SER B 300 8.55 10.37 -12.38
N ALA B 301 9.47 9.67 -13.05
CA ALA B 301 9.73 8.28 -12.71
C ALA B 301 10.27 8.14 -11.29
N CYS B 302 11.21 9.02 -10.91
CA CYS B 302 11.69 9.03 -9.54
C CYS B 302 10.58 9.38 -8.56
N GLN B 303 9.74 10.35 -8.92
CA GLN B 303 8.57 10.66 -8.09
C GLN B 303 7.60 9.49 -8.07
N ALA B 304 7.43 8.81 -9.21
CA ALA B 304 6.58 7.63 -9.25
C ALA B 304 7.11 6.53 -8.34
N ILE B 305 8.44 6.45 -8.20
CA ILE B 305 9.03 5.50 -7.26
C ILE B 305 8.55 5.80 -5.84
N GLY B 306 8.68 7.06 -5.43
CA GLY B 306 8.28 7.43 -4.08
C GLY B 306 6.80 7.21 -3.85
N GLN B 307 5.97 7.53 -4.85
CA GLN B 307 4.54 7.30 -4.72
C GLN B 307 4.21 5.81 -4.65
N VAL B 308 5.06 4.97 -5.24
CA VAL B 308 4.85 3.53 -5.19
C VAL B 308 5.62 2.89 -4.04
N LEU B 309 6.90 3.23 -3.89
CA LEU B 309 7.73 2.60 -2.87
C LEU B 309 7.24 2.92 -1.46
N SER B 310 6.87 4.18 -1.21
CA SER B 310 6.35 4.53 0.11
C SER B 310 5.06 3.77 0.41
N LEU B 311 4.17 3.67 -0.58
CA LEU B 311 3.02 2.77 -0.45
C LEU B 311 3.47 1.33 -0.32
N GLN B 312 4.48 0.93 -1.10
CA GLN B 312 5.00 -0.43 -0.99
C GLN B 312 5.68 -0.66 0.36
N ILE B 313 6.47 0.31 0.82
CA ILE B 313 7.13 0.16 2.12
C ILE B 313 6.09 0.07 3.23
N SER B 314 5.12 0.99 3.23
CA SER B 314 4.07 0.97 4.25
C SER B 314 3.27 -0.32 4.19
N ALA B 315 3.00 -0.81 2.98
CA ALA B 315 2.38 -2.12 2.84
C ALA B 315 3.28 -3.24 3.35
N MET B 316 4.59 -3.13 3.15
CA MET B 316 5.50 -4.18 3.61
C MET B 316 5.74 -4.13 5.12
N GLU B 317 5.85 -2.94 5.72
CA GLU B 317 5.85 -2.91 7.18
C GLU B 317 4.50 -3.33 7.74
N ALA B 318 3.41 -3.03 7.03
CA ALA B 318 2.11 -3.56 7.42
C ALA B 318 2.15 -5.08 7.52
N LEU B 319 2.91 -5.72 6.62
CA LEU B 319 3.21 -7.13 6.81
C LEU B 319 4.11 -7.33 8.02
N GLU B 320 5.20 -6.55 8.12
CA GLU B 320 6.12 -6.72 9.25
C GLU B 320 5.44 -6.44 10.59
N VAL B 321 4.69 -5.33 10.69
CA VAL B 321 4.05 -5.02 11.96
C VAL B 321 3.04 -6.10 12.32
N SER B 322 2.46 -6.76 11.31
CA SER B 322 1.59 -7.89 11.62
C SER B 322 2.39 -9.08 12.13
N ARG B 323 3.48 -9.44 11.43
CA ARG B 323 4.28 -10.59 11.86
C ARG B 323 4.89 -10.35 13.23
N GLN B 324 5.49 -9.17 13.45
CA GLN B 324 6.07 -8.88 14.76
C GLN B 324 5.00 -8.91 15.85
N ARG B 325 3.84 -8.30 15.59
CA ARG B 325 2.74 -8.40 16.54
C ARG B 325 2.26 -9.84 16.65
N GLU B 326 2.26 -10.57 15.54
CA GLU B 326 1.83 -11.97 15.56
C GLU B 326 2.74 -12.81 16.44
N THR B 327 4.07 -12.70 16.25
CA THR B 327 4.97 -13.49 17.08
C THR B 327 4.96 -13.00 18.53
N LYS B 328 4.62 -11.73 18.74
CA LYS B 328 4.37 -11.26 20.09
C LYS B 328 3.17 -11.99 20.70
N ILE B 329 2.11 -12.18 19.91
CA ILE B 329 0.95 -12.92 20.39
C ILE B 329 1.33 -14.34 20.75
N GLN B 330 2.11 -15.01 19.89
CA GLN B 330 2.58 -16.34 20.21
C GLN B 330 3.53 -16.34 21.40
N THR B 331 4.29 -15.25 21.58
CA THR B 331 5.31 -15.23 22.62
C THR B 331 4.72 -15.57 23.99
N LEU B 332 3.66 -14.87 24.40
CA LEU B 332 3.05 -15.17 25.69
C LEU B 332 2.44 -16.57 25.71
N GLN B 333 2.13 -17.14 24.54
CA GLN B 333 1.60 -18.50 24.51
C GLN B 333 2.63 -19.51 25.00
N GLN B 334 3.84 -19.47 24.43
CA GLN B 334 4.90 -20.32 24.97
C GLN B 334 5.47 -19.78 26.26
N LEU B 335 5.43 -18.46 26.46
CA LEU B 335 5.88 -17.90 27.73
C LEU B 335 5.01 -18.41 28.88
N HIS B 336 3.69 -18.40 28.70
CA HIS B 336 2.81 -18.72 29.81
C HIS B 336 2.87 -20.21 30.17
N GLN B 337 3.25 -21.06 29.22
CA GLN B 337 3.39 -22.47 29.53
C GLN B 337 4.48 -22.72 30.56
N MET B 338 5.56 -21.94 30.53
CA MET B 338 6.57 -22.05 31.56
C MET B 338 6.23 -21.24 32.81
N MET B 339 5.37 -20.23 32.66
CA MET B 339 4.78 -19.59 33.85
C MET B 339 3.95 -20.60 34.64
N ALA B 340 3.16 -21.42 33.94
CA ALA B 340 2.36 -22.43 34.62
C ALA B 340 3.20 -23.61 35.10
N THR B 341 4.39 -23.80 34.52
CA THR B 341 5.23 -24.92 34.94
C THR B 341 5.66 -24.78 36.39
N SER B 342 6.04 -23.57 36.81
CA SER B 342 6.46 -23.33 38.18
C SER B 342 6.24 -21.87 38.56
N ASP B 345 9.16 -18.76 41.34
CA ASP B 345 8.23 -17.64 41.25
C ASP B 345 7.86 -17.35 39.80
N VAL B 346 6.90 -16.46 39.61
CA VAL B 346 6.45 -16.13 38.25
C VAL B 346 7.57 -15.43 37.48
N PHE B 347 8.21 -14.43 38.09
CA PHE B 347 9.32 -13.75 37.43
C PHE B 347 10.59 -14.56 37.50
N ASP B 348 10.62 -15.60 38.35
CA ASP B 348 11.79 -16.47 38.41
C ASP B 348 11.83 -17.42 37.22
N GLY B 349 10.67 -17.88 36.75
CA GLY B 349 10.63 -18.85 35.67
C GLY B 349 10.98 -18.29 34.31
N LEU B 350 10.82 -16.98 34.12
CA LEU B 350 11.12 -16.38 32.83
C LEU B 350 12.61 -16.36 32.51
N ALA B 351 13.47 -16.54 33.51
CA ALA B 351 14.91 -16.46 33.32
C ALA B 351 15.51 -17.72 32.72
N GLN B 352 14.77 -18.83 32.67
CA GLN B 352 15.33 -20.07 32.14
C GLN B 352 15.40 -20.07 30.61
N GLN B 353 14.67 -19.18 29.94
CA GLN B 353 14.72 -19.03 28.48
C GLN B 353 14.88 -17.56 28.14
N PRO B 354 16.07 -17.00 28.38
CA PRO B 354 16.26 -15.56 28.16
C PRO B 354 16.02 -15.11 26.73
N GLN B 355 16.34 -15.95 25.75
CA GLN B 355 16.19 -15.54 24.36
C GLN B 355 14.73 -15.34 23.98
N LEU B 356 13.80 -16.00 24.68
CA LEU B 356 12.39 -15.79 24.41
C LEU B 356 11.94 -14.39 24.80
N LEU B 357 12.51 -13.85 25.89
CA LEU B 357 12.16 -12.50 26.30
C LEU B 357 12.77 -11.46 25.38
N MET B 358 13.92 -11.76 24.78
CA MET B 358 14.57 -10.81 23.88
C MET B 358 13.68 -10.52 22.67
N ASP B 359 13.10 -11.56 22.07
CA ASP B 359 12.31 -11.39 20.86
C ASP B 359 10.98 -10.68 21.11
N LEU B 360 10.54 -10.58 22.37
CA LEU B 360 9.28 -9.91 22.64
C LEU B 360 9.33 -8.43 22.28
N VAL B 361 10.48 -7.81 22.45
CA VAL B 361 10.64 -6.38 22.14
C VAL B 361 11.81 -6.09 21.23
N GLY B 362 12.82 -6.96 21.14
CA GLY B 362 14.05 -6.63 20.45
C GLY B 362 14.98 -5.86 21.36
N ALA B 363 15.08 -6.31 22.62
CA ALA B 363 15.82 -5.56 23.63
C ALA B 363 17.31 -5.54 23.33
N THR B 364 17.86 -6.64 22.81
CA THR B 364 19.29 -6.87 22.68
C THR B 364 20.01 -6.90 24.01
N GLY B 365 19.27 -6.87 25.12
CA GLY B 365 19.81 -7.06 26.45
C GLY B 365 18.71 -7.09 27.48
N VAL B 366 18.72 -8.12 28.35
CA VAL B 366 17.67 -8.33 29.34
C VAL B 366 18.31 -8.65 30.68
N ALA B 367 17.54 -8.41 31.74
CA ALA B 367 17.93 -8.81 33.08
C ALA B 367 16.68 -9.00 33.92
N ILE B 368 16.73 -9.93 34.86
CA ILE B 368 15.62 -10.23 35.75
C ILE B 368 16.10 -10.04 37.18
N ILE B 369 15.48 -9.12 37.89
CA ILE B 369 15.85 -8.84 39.29
C ILE B 369 15.17 -9.85 40.19
N GLU B 370 15.96 -10.57 40.98
CA GLU B 370 15.43 -11.59 41.88
C GLU B 370 16.37 -11.75 43.06
N ASP B 371 15.83 -11.66 44.27
CA ASP B 371 16.58 -11.82 45.51
C ASP B 371 17.75 -10.84 45.58
N ARG B 372 18.98 -11.37 45.51
CA ARG B 372 20.18 -10.55 45.52
C ARG B 372 20.93 -10.60 44.18
N GLN B 373 21.20 -11.81 43.69
CA GLN B 373 21.86 -11.98 42.39
C GLN B 373 20.84 -11.74 41.30
N THR B 374 20.77 -10.50 40.81
CA THR B 374 19.88 -10.14 39.72
C THR B 374 20.40 -10.79 38.45
N HIS B 375 19.77 -11.89 38.05
CA HIS B 375 20.29 -12.73 36.97
C HIS B 375 20.14 -12.04 35.62
N CYS B 376 21.18 -11.35 35.18
CA CYS B 376 21.17 -10.69 33.89
C CYS B 376 21.51 -11.67 32.77
N TYR B 377 21.17 -11.28 31.55
CA TYR B 377 21.44 -12.09 30.37
C TYR B 377 21.78 -11.17 29.20
N GLY B 378 22.31 -11.77 28.14
CA GLY B 378 22.80 -10.98 27.03
C GLY B 378 23.90 -10.05 27.49
N ASN B 379 23.82 -8.79 27.05
CA ASN B 379 24.72 -7.76 27.56
C ASN B 379 24.04 -6.95 28.65
N CYS B 380 24.79 -6.65 29.70
CA CYS B 380 24.24 -5.96 30.87
C CYS B 380 25.36 -5.39 31.72
N PRO B 381 25.17 -4.21 32.29
CA PRO B 381 26.19 -3.66 33.21
C PRO B 381 26.33 -4.49 34.47
N GLU B 382 27.26 -4.10 35.35
CA GLU B 382 27.51 -4.83 36.58
C GLU B 382 26.29 -4.72 37.50
N PRO B 383 26.14 -5.66 38.45
CA PRO B 383 25.01 -5.59 39.38
C PRO B 383 24.96 -4.31 40.18
N SER B 384 26.10 -3.67 40.42
CA SER B 384 26.12 -2.38 41.10
C SER B 384 25.50 -1.27 40.26
N ASP B 385 25.26 -1.51 38.97
CA ASP B 385 24.71 -0.51 38.06
C ASP B 385 23.20 -0.64 37.91
N ILE B 386 22.71 -1.83 37.55
CA ILE B 386 21.27 -2.02 37.36
C ILE B 386 20.51 -1.85 38.66
N ARG B 387 21.15 -2.15 39.80
CA ARG B 387 20.49 -1.97 41.08
C ARG B 387 20.16 -0.50 41.34
N ALA B 388 21.08 0.40 40.97
CA ALA B 388 20.86 1.83 41.09
C ALA B 388 20.22 2.43 39.85
N LEU B 389 19.50 1.63 39.07
CA LEU B 389 18.81 2.10 37.88
C LEU B 389 17.30 1.94 37.94
N HIS B 390 16.82 0.77 38.36
CA HIS B 390 15.38 0.51 38.39
C HIS B 390 14.65 1.26 39.49
N THR B 391 15.36 1.91 40.41
CA THR B 391 14.70 2.67 41.46
C THR B 391 13.91 3.85 40.91
N TRP B 392 14.27 4.34 39.71
CA TRP B 392 13.55 5.41 39.06
C TRP B 392 12.41 4.90 38.18
N MET B 393 11.85 3.75 38.52
CA MET B 393 10.70 3.17 37.86
C MET B 393 9.44 3.24 38.72
N MET B 394 9.51 2.69 39.93
CA MET B 394 8.35 2.45 40.77
C MET B 394 7.99 3.65 41.65
N ALA B 395 8.95 4.56 41.86
CA ALA B 395 8.59 5.83 42.50
C ALA B 395 7.60 6.61 41.64
N GLY B 396 7.84 6.64 40.33
CA GLY B 396 6.88 7.26 39.42
C GLY B 396 5.56 6.51 39.35
N GLY B 397 5.60 5.18 39.47
CA GLY B 397 4.40 4.38 39.45
C GLY B 397 4.00 3.85 38.10
N GLU B 398 4.64 4.28 37.03
CA GLU B 398 4.29 3.78 35.70
C GLU B 398 4.78 2.34 35.54
N PRO B 399 3.90 1.41 35.18
CA PRO B 399 4.35 0.01 34.99
C PRO B 399 5.35 -0.15 33.86
N VAL B 400 5.36 0.76 32.89
CA VAL B 400 6.25 0.66 31.73
C VAL B 400 6.95 1.99 31.51
N TYR B 401 8.05 1.94 30.77
CA TYR B 401 8.85 3.11 30.46
C TYR B 401 9.17 3.14 28.97
N ALA B 402 9.10 4.32 28.39
CA ALA B 402 9.62 4.57 27.04
C ALA B 402 10.81 5.50 27.21
N SER B 403 11.97 4.91 27.50
CA SER B 403 13.15 5.65 27.94
C SER B 403 14.20 5.61 26.83
N HIS B 404 14.09 6.55 25.89
CA HIS B 404 15.22 6.78 25.00
C HIS B 404 16.43 7.29 25.77
N HIS B 405 16.21 8.21 26.71
CA HIS B 405 17.26 8.75 27.54
C HIS B 405 17.38 7.92 28.82
N LEU B 406 18.60 7.47 29.10
CA LEU B 406 18.84 6.73 30.34
C LEU B 406 18.78 7.64 31.57
N SER B 407 19.42 8.80 31.49
CA SER B 407 19.67 9.65 32.64
C SER B 407 18.74 10.85 32.72
N SER B 408 17.61 10.83 31.98
CA SER B 408 16.65 11.92 32.09
C SER B 408 16.05 11.99 33.49
N VAL B 409 15.73 10.84 34.07
CA VAL B 409 15.17 10.80 35.41
C VAL B 409 16.24 10.54 36.48
N TYR B 410 17.37 9.94 36.12
CA TYR B 410 18.44 9.60 37.05
C TYR B 410 19.68 10.35 36.58
N PRO B 411 19.92 11.56 37.10
CA PRO B 411 20.95 12.43 36.51
C PRO B 411 22.35 11.81 36.53
N PRO B 412 22.89 11.40 37.68
CA PRO B 412 24.29 10.95 37.70
C PRO B 412 24.53 9.55 37.15
N GLY B 413 23.55 8.96 36.48
CA GLY B 413 23.71 7.62 35.94
C GLY B 413 24.19 7.58 34.50
N GLU B 414 25.36 8.17 34.23
CA GLU B 414 25.95 8.15 32.91
C GLU B 414 26.99 7.06 32.74
N ALA B 415 27.22 6.23 33.76
CA ALA B 415 28.22 5.18 33.72
C ALA B 415 27.70 3.89 33.10
N TYR B 416 26.43 3.84 32.70
CA TYR B 416 25.84 2.64 32.12
C TYR B 416 25.64 2.72 30.63
N GLN B 417 25.89 3.88 30.01
CA GLN B 417 25.59 4.05 28.58
C GLN B 417 26.46 3.16 27.71
N THR B 418 27.52 2.57 28.26
CA THR B 418 28.32 1.61 27.50
C THR B 418 27.47 0.42 27.08
N LEU B 419 26.63 -0.09 27.99
CA LEU B 419 25.76 -1.22 27.70
C LEU B 419 24.29 -0.89 27.87
N ALA B 420 23.92 -0.17 28.94
CA ALA B 420 22.52 0.09 29.28
C ALA B 420 22.21 1.56 29.03
N SER B 421 21.38 1.84 28.03
CA SER B 421 20.92 3.20 27.76
C SER B 421 19.43 3.32 27.53
N GLY B 422 18.74 2.29 27.05
CA GLY B 422 17.31 2.34 26.87
C GLY B 422 16.61 1.39 27.82
N VAL B 423 15.81 1.95 28.72
CA VAL B 423 15.22 1.14 29.78
C VAL B 423 13.70 1.14 29.67
N LEU B 424 13.15 0.13 29.00
CA LEU B 424 11.73 -0.16 29.06
C LEU B 424 11.59 -1.32 30.04
N ALA B 425 11.22 -1.02 31.27
CA ALA B 425 11.26 -2.00 32.35
C ALA B 425 9.85 -2.23 32.90
N MET B 426 9.63 -3.43 33.42
CA MET B 426 8.37 -3.80 34.01
C MET B 426 8.64 -4.39 35.40
N SER B 427 7.56 -4.66 36.13
CA SER B 427 7.67 -5.27 37.44
C SER B 427 6.27 -5.66 37.91
N LEU B 428 6.23 -6.60 38.85
CA LEU B 428 5.01 -6.85 39.59
C LEU B 428 4.76 -5.68 40.54
N PRO B 429 3.49 -5.37 40.83
CA PRO B 429 3.21 -4.24 41.72
C PRO B 429 3.77 -4.39 43.13
N LYS B 430 4.50 -5.47 43.38
CA LYS B 430 5.19 -5.69 44.64
C LYS B 430 6.20 -4.58 44.89
N PRO B 431 6.08 -3.82 45.98
CA PRO B 431 7.03 -2.72 46.22
C PRO B 431 8.46 -3.16 46.50
N VAL B 432 8.71 -4.46 46.69
CA VAL B 432 10.03 -4.94 47.08
C VAL B 432 10.50 -6.01 46.09
N ASP B 433 11.67 -5.77 45.49
CA ASP B 433 12.44 -6.79 44.78
C ASP B 433 11.61 -7.42 43.65
N ASN B 434 11.38 -6.61 42.63
CA ASN B 434 10.73 -7.09 41.41
C ASN B 434 11.25 -6.29 40.23
N GLY B 435 11.12 -6.88 39.05
CA GLY B 435 11.48 -6.20 37.82
C GLY B 435 12.18 -7.08 36.80
N VAL B 436 11.93 -6.80 35.52
CA VAL B 436 12.61 -7.45 34.41
C VAL B 436 12.92 -6.38 33.37
N ILE B 437 14.19 -5.96 33.32
CA ILE B 437 14.60 -4.77 32.58
C ILE B 437 15.12 -5.19 31.22
N TRP B 438 14.69 -4.47 30.18
CA TRP B 438 15.03 -4.77 28.79
C TRP B 438 15.93 -3.65 28.28
N PHE B 439 17.24 -3.84 28.41
CA PHE B 439 18.22 -2.80 28.10
C PHE B 439 18.48 -2.73 26.62
N ARG B 440 18.15 -1.60 26.00
CA ARG B 440 18.62 -1.27 24.67
C ARG B 440 19.77 -0.28 24.79
N PRO B 441 20.98 -0.60 24.30
CA PRO B 441 22.08 0.35 24.41
C PRO B 441 21.90 1.56 23.51
N GLU B 442 22.87 2.49 23.55
CA GLU B 442 22.82 3.62 22.65
C GLU B 442 22.97 3.15 21.21
N VAL B 443 22.28 3.84 20.29
CA VAL B 443 22.47 3.58 18.87
C VAL B 443 23.89 3.86 18.44
N LYS B 444 24.64 4.62 19.24
CA LYS B 444 26.03 4.95 18.91
C LYS B 444 26.88 3.69 18.76
N GLN B 445 26.72 2.73 19.68
CA GLN B 445 27.52 1.51 19.61
C GLN B 445 27.00 0.58 18.51
N SER B 446 25.71 0.62 18.23
CA SER B 446 25.12 -0.29 17.26
C SER B 446 25.69 -0.06 15.86
N VAL B 447 25.85 1.18 15.47
CA VAL B 447 26.35 1.53 14.13
C VAL B 447 27.77 2.05 14.26
N GLN B 448 28.69 1.42 13.54
CA GLN B 448 30.09 1.84 13.50
C GLN B 448 30.40 2.35 12.10
N TRP B 449 30.90 3.58 12.02
CA TRP B 449 31.23 4.23 10.76
C TRP B 449 32.63 4.83 10.84
N SER B 450 33.29 4.90 9.68
CA SER B 450 34.60 5.50 9.54
C SER B 450 35.62 4.91 10.51
N LEU B 466 36.15 19.83 10.66
CA LEU B 466 35.94 21.27 10.47
C LEU B 466 34.48 21.63 10.66
N ARG B 467 33.93 22.40 9.72
CA ARG B 467 32.56 22.87 9.78
C ARG B 467 31.73 22.26 8.66
N LEU B 468 30.46 21.99 8.96
CA LEU B 468 29.49 21.52 7.97
C LEU B 468 30.00 20.29 7.22
N GLN B 469 30.36 19.27 7.97
CA GLN B 469 30.86 18.03 7.38
C GLN B 469 30.01 16.85 7.80
N PRO B 470 29.88 15.83 6.94
CA PRO B 470 29.24 14.59 7.39
C PRO B 470 29.97 13.93 8.55
N ARG B 471 31.31 14.05 8.60
CA ARG B 471 32.05 13.58 9.75
C ARG B 471 31.70 14.39 10.99
N THR B 472 31.58 15.71 10.84
CA THR B 472 31.28 16.57 11.99
C THR B 472 29.88 16.33 12.51
N SER B 473 28.89 16.25 11.62
CA SER B 473 27.53 15.97 12.04
C SER B 473 27.44 14.62 12.73
N PHE B 474 28.28 13.66 12.33
CA PHE B 474 28.39 12.41 13.06
C PHE B 474 28.89 12.66 14.48
N GLU B 475 29.90 13.51 14.62
CA GLU B 475 30.40 13.85 15.96
C GLU B 475 29.36 14.61 16.76
N ILE B 476 28.65 15.55 16.11
CA ILE B 476 27.55 16.26 16.79
C ILE B 476 26.47 15.27 17.19
N TRP B 477 26.18 14.30 16.33
CA TRP B 477 25.20 13.26 16.67
C TRP B 477 25.64 12.45 17.87
N LYS B 478 26.96 12.23 18.03
CA LYS B 478 27.45 11.47 19.17
C LYS B 478 27.10 12.16 20.48
N VAL B 479 27.28 13.48 20.55
CA VAL B 479 26.82 14.23 21.70
C VAL B 479 25.30 14.26 21.76
N GLU B 480 24.65 14.38 20.60
CA GLU B 480 23.20 14.39 20.57
C GLU B 480 22.62 13.05 21.01
N MET B 481 23.25 11.96 20.60
CA MET B 481 22.79 10.62 20.96
C MET B 481 23.30 10.15 22.30
N THR B 482 24.19 10.91 22.95
CA THR B 482 24.79 10.48 24.21
C THR B 482 23.72 10.24 25.26
N GLY B 483 23.52 8.98 25.63
CA GLY B 483 22.48 8.60 26.56
C GLY B 483 21.13 8.37 25.95
N ILE B 484 20.95 8.67 24.66
CA ILE B 484 19.68 8.49 23.98
C ILE B 484 19.72 7.17 23.21
N ALA B 485 18.72 6.33 23.42
CA ALA B 485 18.68 4.98 22.85
C ALA B 485 17.67 4.90 21.72
N THR B 486 17.49 3.68 21.22
CA THR B 486 16.56 3.43 20.12
C THR B 486 15.13 3.60 20.58
N LYS B 487 14.28 4.10 19.68
CA LYS B 487 12.88 4.32 19.99
C LYS B 487 12.15 2.99 20.18
N TRP B 488 11.17 2.99 21.07
CA TRP B 488 10.32 1.84 21.31
C TRP B 488 8.96 2.08 20.65
N SER B 489 8.50 1.09 19.88
CA SER B 489 7.21 1.18 19.24
C SER B 489 6.09 1.11 20.28
N HIS B 490 4.94 1.71 19.94
CA HIS B 490 3.80 1.68 20.85
C HIS B 490 3.33 0.26 21.10
N GLY B 491 3.26 -0.55 20.04
CA GLY B 491 2.95 -1.96 20.22
C GLY B 491 4.01 -2.70 21.01
N ASP B 492 5.28 -2.29 20.86
CA ASP B 492 6.35 -2.92 21.63
C ASP B 492 6.15 -2.71 23.13
N VAL B 493 5.76 -1.50 23.53
CA VAL B 493 5.41 -1.27 24.93
C VAL B 493 4.12 -2.01 25.28
N PHE B 494 3.17 -2.04 24.34
CA PHE B 494 1.95 -2.81 24.55
C PHE B 494 2.27 -4.29 24.71
N ALA B 495 3.13 -4.83 23.83
CA ALA B 495 3.55 -6.22 23.96
C ALA B 495 4.22 -6.48 25.30
N ALA B 496 4.91 -5.48 25.84
CA ALA B 496 5.43 -5.60 27.20
C ALA B 496 4.29 -5.63 28.21
N ASN B 497 3.34 -4.71 28.08
CA ASN B 497 2.24 -4.62 29.05
C ASN B 497 1.46 -5.93 29.12
N ASP B 498 1.37 -6.65 28.01
CA ASP B 498 0.74 -7.97 28.05
C ASP B 498 1.53 -8.94 28.91
N LEU B 499 2.87 -8.87 28.84
CA LEU B 499 3.68 -9.76 29.67
C LEU B 499 3.47 -9.48 31.15
N ARG B 500 3.41 -8.21 31.54
CA ARG B 500 3.05 -7.88 32.91
C ARG B 500 1.62 -8.34 33.21
N ARG B 501 0.71 -8.12 32.27
CA ARG B 501 -0.67 -8.57 32.45
C ARG B 501 -0.74 -10.10 32.51
N SER B 502 0.03 -10.78 31.66
CA SER B 502 0.11 -12.24 31.76
C SER B 502 0.69 -12.66 33.10
N ALA B 503 1.75 -11.98 33.55
CA ALA B 503 2.28 -12.21 34.89
C ALA B 503 1.29 -11.79 35.96
N LEU B 504 0.33 -10.93 35.63
CA LEU B 504 -0.73 -10.54 36.54
C LEU B 504 -1.93 -11.49 36.48
N GLU B 505 -1.86 -12.53 35.65
CA GLU B 505 -2.96 -13.49 35.56
C GLU B 505 -2.74 -14.66 36.52
N ASN B 506 -1.62 -15.37 36.38
CA ASN B 506 -1.40 -16.61 37.10
C ASN B 506 -0.86 -16.39 38.51
N ASP B 507 -0.54 -15.15 38.90
CA ASP B 507 -0.04 -14.92 40.24
C ASP B 507 -1.08 -15.28 41.29
N LEU B 508 -2.35 -14.94 41.03
CA LEU B 508 -3.43 -15.36 41.91
C LEU B 508 -3.54 -16.88 41.95
N ALA B 509 -3.40 -17.53 40.79
CA ALA B 509 -3.32 -18.99 40.75
C ALA B 509 -2.07 -19.48 41.47
N ARG B 510 -0.96 -18.77 41.29
CA ARG B 510 0.26 -19.10 42.03
C ARG B 510 0.07 -18.90 43.53
N GLN B 511 -0.60 -17.80 43.91
CA GLN B 511 -0.87 -17.56 45.33
C GLN B 511 -1.78 -18.63 45.91
N VAL B 512 -2.82 -19.04 45.16
CA VAL B 512 -3.71 -20.08 45.63
C VAL B 512 -2.97 -21.41 45.75
N SER B 513 -2.17 -21.74 44.74
CA SER B 513 -1.40 -22.98 44.75
C SER B 513 -0.29 -22.94 45.81
C1A LBV C . -20.06 -20.90 -16.42
C1B LBV C . -15.58 -21.08 -16.13
O1B LBV C . -9.43 -20.51 -18.87
C1C LBV C . -15.04 -16.68 -16.08
O1C LBV C . -10.77 -13.38 -14.95
C1D LBV C . -18.89 -14.02 -16.92
C2A LBV C . -20.31 -22.02 -15.44
C2B LBV C . -14.21 -21.38 -16.28
O2B LBV C . -9.70 -18.79 -17.48
C2C LBV C . -14.77 -15.37 -15.68
O2C LBV C . -12.13 -11.84 -15.82
C2D LBV C . -18.70 -12.88 -17.82
C3A LBV C . -18.97 -22.69 -15.33
C3B LBV C . -13.50 -20.20 -16.26
C3C LBV C . -15.91 -14.60 -15.94
C3D LBV C . -19.60 -11.92 -17.49
C4A LBV C . -17.98 -21.80 -15.98
C4B LBV C . -14.45 -19.13 -16.09
C4C LBV C . -16.87 -15.45 -16.50
C4D LBV C . -20.41 -12.42 -16.34
CAA LBV C . -18.65 -23.82 -14.71
CAB LBV C . -12.03 -20.02 -16.40
CAC LBV C . -13.50 -14.87 -15.07
CAD LBV C . -19.75 -10.63 -18.12
CBA LBV C . -19.27 -24.34 -13.46
CBB LBV C . -11.57 -20.19 -17.84
CBC LBV C . -12.66 -14.16 -16.13
CBD LBV C . -20.53 -9.61 -17.72
CGB LBV C . -10.10 -19.79 -18.09
CGC LBV C . -11.78 -13.02 -15.59
CHB LBV C . -16.65 -22.01 -16.09
CHC LBV C . -14.19 -17.79 -16.00
CHD LBV C . -18.20 -15.17 -16.95
CMA LBV C . -21.42 -22.93 -15.99
CMB LBV C . -13.68 -22.77 -16.45
CMC LBV C . -16.02 -13.14 -15.64
CMD LBV C . -17.68 -12.87 -18.89
N_A LBV C . -18.70 -20.85 -16.65
O_A LBV C . -20.86 -20.16 -16.91
N_B LBV C . -15.69 -19.74 -16.01
N_C LBV C . -16.33 -16.71 -16.57
N_D LBV C . -19.92 -13.68 -16.06
O_D LBV C . -21.30 -11.88 -15.74
C1A LBV D . 23.48 22.10 9.12
C1B LBV D . 19.98 22.73 6.29
O1B LBV D . 16.21 22.34 0.90
C1C LBV D . 19.71 18.60 4.77
O1C LBV D . 18.41 14.69 1.78
C1D LBV D . 23.33 15.71 5.90
C2A LBV D . 22.60 22.49 10.29
C2B LBV D . 19.03 23.27 5.36
O2B LBV D . 17.35 24.21 0.50
C2C LBV D . 19.45 17.32 4.25
O2C LBV D . 18.43 15.83 -0.13
C2D LBV D . 23.99 15.27 4.66
C3A LBV D . 21.54 23.33 9.62
C3B LBV D . 18.53 22.23 4.62
C3C LBV D . 20.48 16.47 4.65
C3D LBV D . 24.63 14.10 4.92
C4A LBV D . 21.58 23.00 8.19
C4B LBV D . 19.15 21.03 5.07
C4C LBV D . 21.38 17.22 5.42
C4D LBV D . 24.41 13.75 6.34
CAA LBV D . 20.90 24.40 10.12
CAB LBV D . 17.51 22.32 3.54
CAC LBV D . 18.28 16.93 3.41
CAD LBV D . 25.41 13.32 3.98
CBA LBV D . 20.14 24.48 11.38
CBB LBV D . 18.13 22.83 2.24
CBC LBV D . 18.65 17.04 1.93
CBD LBV D . 25.89 12.08 4.16
CGB LBV D . 17.14 23.15 1.11
CGC LBV D . 18.48 15.74 1.12
CHB LBV D . 20.74 23.47 7.23
CHC LBV D . 18.94 19.75 4.63
CHD LBV D . 22.59 16.83 6.06
CMA LBV D . 23.45 23.21 11.34
CMB LBV D . 18.70 24.72 5.27
CMC LBV D . 20.55 15.02 4.29
CMD LBV D . 23.92 16.03 3.39
N_A LBV D . 22.81 22.43 7.97
O_A LBV D . 24.57 21.60 9.15
N_B LBV D . 20.02 21.41 6.09
N_C LBV D . 20.90 18.51 5.49
N_D LBV D . 23.62 14.75 6.85
O_D LBV D . 24.80 12.79 6.97
#